data_9DMC
#
_entry.id   9DMC
#
_cell.length_a   44.456
_cell.length_b   74.906
_cell.length_c   85.115
_cell.angle_alpha   98.31
_cell.angle_beta   105.04
_cell.angle_gamma   105.38
#
_symmetry.space_group_name_H-M   'P 1'
#
loop_
_entity.id
_entity.type
_entity.pdbx_description
1 polymer 'Poly [ADP-ribose] polymerase 1'
2 non-polymer '[(2R,3S,4R,5R)-5-(6-amino-9H-purin-9-yl)-3,4-dihydroxytetrahydrofuran-2-yl]methyl [(2R,3S,4R,5S)-5-(3-carbamoylphenyl)-3,4-dihydroxytetrahydrofuran-2-yl]methyl dihydrogen diphosphate (non-preferred name)'
3 non-polymer ADENOSINE-5-DIPHOSPHORIBOSE
4 water water
#
_entity_poly.entity_id   1
_entity_poly.type   'polypeptide(L)'
_entity_poly.pdbx_seq_one_letter_code
;MGSSHHHHHHSSGLVPRGSHMTKSKLPKPVQDLIKMIFGSGSGSGGDPIDVNYEKLKTDIKVVDRDSEEAEIIRKYVKNT
HATTHNAYDLEVIDIFKIEREGECQRYKPFKQLHNRRLLWHGSRTTNFAGILSQGLRIAPPEAPVTGYMFGKGIYFADMV
SKSANYCHTSQGDPIGLILLGEVALGNMYELKHASHISKLPKGKHSVKGLGKTTPDPSANISLDGVDVPLGTGISSGVND
TSLLYNEYIVYDIAQVNLKYLLKLKFNFKTS
;
_entity_poly.pdbx_strand_id   A,B,C,D
#
loop_
_chem_comp.id
_chem_comp.type
_chem_comp.name
_chem_comp.formula
APR non-polymer ADENOSINE-5-DIPHOSPHORIBOSE 'C15 H23 N5 O14 P2'
DQV non-polymer '[(2R,3S,4R,5R)-5-(6-amino-9H-purin-9-yl)-3,4-dihydroxytetrahydrofuran-2-yl]methyl [(2R,3S,4R,5S)-5-(3-carbamoylphenyl)-3,4-dihydroxytetrahydrofuran-2-yl]methyl dihydrogen diphosphate (non-preferred name)' 'C22 H28 N6 O14 P2'
#
# COMPACT_ATOMS: atom_id res chain seq x y z
N SER A 24 25.30 19.15 17.62
CA SER A 24 24.95 18.06 18.57
C SER A 24 26.21 17.28 18.96
N LYS A 25 26.46 17.19 20.27
CA LYS A 25 27.57 16.42 20.81
C LYS A 25 27.12 14.99 21.05
N LEU A 26 26.59 14.35 19.99
CA LEU A 26 26.00 13.03 20.07
C LEU A 26 26.45 12.20 18.87
N PRO A 27 26.53 10.86 18.97
CA PRO A 27 26.82 10.01 17.82
C PRO A 27 25.77 10.19 16.71
N LYS A 28 26.15 9.84 15.48
CA LYS A 28 25.24 9.94 14.34
C LYS A 28 24.07 8.98 14.52
N PRO A 29 24.28 7.72 14.97
CA PRO A 29 23.17 6.80 15.21
C PRO A 29 22.09 7.32 16.14
N VAL A 30 22.49 8.10 17.16
CA VAL A 30 21.57 8.63 18.15
C VAL A 30 20.69 9.70 17.50
N GLN A 31 21.31 10.59 16.73
CA GLN A 31 20.62 11.73 16.14
C GLN A 31 19.55 11.26 15.17
N ASP A 32 19.82 10.14 14.47
CA ASP A 32 18.81 9.47 13.67
C ASP A 32 17.62 9.11 14.55
N LEU A 33 17.93 8.40 15.66
CA LEU A 33 16.92 7.94 16.61
C LEU A 33 16.08 9.11 17.12
N ILE A 34 16.70 10.28 17.33
CA ILE A 34 15.98 11.44 17.82
C ILE A 34 14.93 11.84 16.79
N LYS A 35 15.37 12.08 15.55
CA LYS A 35 14.50 12.48 14.47
C LYS A 35 13.43 11.41 14.22
N MET A 36 13.83 10.13 14.33
CA MET A 36 12.95 9.02 14.09
C MET A 36 11.70 9.11 14.97
N ILE A 37 11.93 9.33 16.28
CA ILE A 37 10.85 9.38 17.25
C ILE A 37 10.02 10.64 17.00
N PHE A 38 10.66 11.80 17.08
CA PHE A 38 9.98 13.07 16.90
C PHE A 38 9.71 13.28 15.41
N GLY A 39 8.80 14.22 15.12
CA GLY A 39 8.35 14.51 13.77
C GLY A 39 6.91 14.06 13.57
N PRO A 48 14.75 21.19 16.31
CA PRO A 48 15.79 21.10 17.33
C PRO A 48 15.97 19.65 17.81
N ILE A 49 17.23 19.22 17.91
CA ILE A 49 17.55 17.84 18.28
C ILE A 49 17.83 17.75 19.78
N ASP A 50 18.77 18.58 20.27
CA ASP A 50 19.27 18.47 21.63
C ASP A 50 18.20 18.87 22.64
N VAL A 51 17.28 19.75 22.23
CA VAL A 51 16.15 20.12 23.07
C VAL A 51 15.22 18.92 23.22
N ASN A 52 15.05 18.17 22.12
CA ASN A 52 14.17 17.01 22.08
C ASN A 52 14.79 15.85 22.86
N TYR A 53 16.12 15.80 22.94
CA TYR A 53 16.82 14.73 23.64
C TYR A 53 16.58 14.86 25.15
N GLU A 54 16.54 16.09 25.66
CA GLU A 54 16.30 16.33 27.07
C GLU A 54 14.85 15.95 27.41
N LYS A 55 13.92 16.18 26.48
CA LYS A 55 12.51 15.92 26.71
C LYS A 55 12.24 14.43 26.92
N LEU A 56 13.12 13.57 26.39
CA LEU A 56 13.05 12.13 26.64
C LEU A 56 13.46 11.83 28.07
N LYS A 57 14.32 12.68 28.65
CA LYS A 57 14.79 12.51 30.01
C LYS A 57 15.39 11.11 30.13
N THR A 58 16.31 10.80 29.22
CA THR A 58 16.87 9.46 29.07
C THR A 58 18.29 9.59 28.52
N ASP A 59 19.24 8.91 29.18
CA ASP A 59 20.61 8.88 28.71
C ASP A 59 20.74 7.75 27.68
N ILE A 60 20.90 8.12 26.41
CA ILE A 60 20.95 7.18 25.31
C ILE A 60 22.40 7.05 24.84
N LYS A 61 23.08 5.97 25.26
CA LYS A 61 24.40 5.64 24.78
C LYS A 61 24.27 4.53 23.73
N VAL A 62 25.10 4.60 22.68
CA VAL A 62 25.17 3.55 21.67
C VAL A 62 26.10 2.45 22.19
N VAL A 63 25.63 1.21 22.15
CA VAL A 63 26.44 0.07 22.56
C VAL A 63 27.37 -0.26 21.38
N ASP A 64 28.59 -0.70 21.70
CA ASP A 64 29.58 -1.00 20.70
C ASP A 64 29.28 -2.38 20.10
N ARG A 65 29.47 -2.49 18.78
CA ARG A 65 29.14 -3.71 18.05
C ARG A 65 30.05 -4.85 18.47
N ASP A 66 31.32 -4.54 18.76
CA ASP A 66 32.26 -5.50 19.32
C ASP A 66 32.32 -5.32 20.83
N SER A 67 31.27 -5.79 21.52
CA SER A 67 31.23 -5.79 22.98
C SER A 67 30.59 -7.08 23.47
N GLU A 68 30.50 -7.24 24.80
CA GLU A 68 29.87 -8.41 25.40
C GLU A 68 28.35 -8.29 25.25
N GLU A 69 27.82 -7.09 25.48
CA GLU A 69 26.38 -6.85 25.45
C GLU A 69 25.84 -7.15 24.06
N ALA A 70 26.45 -6.53 23.04
CA ALA A 70 25.99 -6.61 21.67
C ALA A 70 25.97 -8.06 21.19
N GLU A 71 27.01 -8.84 21.55
CA GLU A 71 27.15 -10.21 21.12
C GLU A 71 26.05 -11.08 21.73
N ILE A 72 25.56 -10.68 22.91
CA ILE A 72 24.43 -11.32 23.57
C ILE A 72 23.13 -10.84 22.92
N ILE A 73 22.97 -9.51 22.84
CA ILE A 73 21.73 -8.89 22.40
C ILE A 73 21.39 -9.34 20.97
N ARG A 74 22.39 -9.37 20.08
CA ARG A 74 22.15 -9.74 18.70
C ARG A 74 21.96 -11.25 18.56
N LYS A 75 22.45 -12.02 19.55
CA LYS A 75 22.22 -13.46 19.60
C LYS A 75 20.81 -13.74 20.08
N TYR A 76 20.31 -12.90 21.00
CA TYR A 76 18.94 -12.99 21.50
C TYR A 76 17.97 -12.85 20.33
N VAL A 77 18.26 -11.88 19.44
CA VAL A 77 17.41 -11.57 18.30
C VAL A 77 17.49 -12.67 17.25
N LYS A 78 18.63 -13.35 17.15
CA LYS A 78 18.80 -14.38 16.14
C LYS A 78 18.04 -15.65 16.54
N ASN A 79 18.18 -16.04 17.81
CA ASN A 79 17.70 -17.33 18.27
C ASN A 79 16.18 -17.34 18.38
N THR A 80 15.60 -16.22 18.81
CA THR A 80 14.19 -16.17 19.21
C THR A 80 13.32 -15.68 18.05
N HIS A 81 13.88 -15.66 16.83
CA HIS A 81 13.10 -15.39 15.63
C HIS A 81 12.33 -16.65 15.25
N ALA A 82 11.00 -16.62 15.42
CA ALA A 82 10.21 -17.84 15.56
C ALA A 82 9.68 -18.32 14.20
N THR A 83 9.19 -19.56 14.21
CA THR A 83 8.79 -20.29 13.01
C THR A 83 7.48 -19.74 12.46
N THR A 84 6.59 -19.27 13.34
CA THR A 84 5.34 -18.63 12.92
C THR A 84 5.67 -17.37 12.12
N HIS A 85 6.57 -16.56 12.68
CA HIS A 85 6.86 -15.21 12.18
C HIS A 85 8.01 -15.28 11.18
N ASN A 86 7.71 -15.85 10.02
CA ASN A 86 8.70 -16.04 8.97
C ASN A 86 8.42 -15.11 7.80
N ALA A 87 7.43 -14.23 7.94
CA ALA A 87 7.08 -13.25 6.93
C ALA A 87 8.21 -12.24 6.71
N TYR A 88 9.24 -12.30 7.56
CA TYR A 88 10.38 -11.39 7.46
C TYR A 88 11.55 -11.96 8.25
N ASP A 89 12.74 -11.45 7.96
CA ASP A 89 13.93 -11.72 8.78
C ASP A 89 14.40 -10.38 9.36
N LEU A 90 14.97 -10.44 10.57
CA LEU A 90 15.38 -9.25 11.28
C LEU A 90 16.87 -8.99 11.07
N GLU A 91 17.25 -7.72 11.26
CA GLU A 91 18.63 -7.27 11.20
C GLU A 91 18.79 -6.12 12.17
N VAL A 92 19.75 -6.24 13.09
CA VAL A 92 19.95 -5.25 14.14
C VAL A 92 20.84 -4.14 13.60
N ILE A 93 20.26 -2.94 13.47
CA ILE A 93 20.97 -1.80 12.91
C ILE A 93 21.82 -1.15 14.01
N ASP A 94 21.14 -0.62 15.03
CA ASP A 94 21.79 0.09 16.12
C ASP A 94 21.19 -0.35 17.45
N ILE A 95 22.06 -0.70 18.40
CA ILE A 95 21.65 -0.95 19.78
C ILE A 95 21.84 0.34 20.56
N PHE A 96 21.05 0.52 21.63
CA PHE A 96 21.14 1.70 22.46
C PHE A 96 20.94 1.31 23.92
N LYS A 97 21.96 1.58 24.75
CA LYS A 97 21.83 1.43 26.20
C LYS A 97 21.10 2.67 26.73
N ILE A 98 19.97 2.44 27.40
CA ILE A 98 19.11 3.52 27.86
C ILE A 98 19.02 3.49 29.39
N GLU A 99 18.73 4.66 29.95
CA GLU A 99 18.78 4.87 31.39
C GLU A 99 17.83 6.01 31.74
N ARG A 100 16.53 5.70 31.79
CA ARG A 100 15.51 6.70 32.13
C ARG A 100 15.84 7.32 33.48
N GLU A 101 15.52 8.62 33.61
CA GLU A 101 15.87 9.39 34.79
C GLU A 101 14.95 9.01 35.94
N GLY A 102 15.54 8.60 37.06
CA GLY A 102 14.81 8.29 38.28
C GLY A 102 14.28 6.85 38.30
N GLU A 103 14.52 6.10 37.21
CA GLU A 103 13.95 4.77 37.07
C GLU A 103 14.76 3.78 37.90
N CYS A 104 16.04 4.07 38.11
CA CYS A 104 16.90 3.21 38.93
C CYS A 104 16.44 3.25 40.39
N GLN A 105 16.00 4.44 40.84
CA GLN A 105 15.62 4.63 42.23
C GLN A 105 14.21 4.10 42.49
N ARG A 106 13.34 4.19 41.48
CA ARG A 106 11.97 3.71 41.58
C ARG A 106 11.94 2.18 41.58
N TYR A 107 12.94 1.56 40.91
CA TYR A 107 13.00 0.12 40.74
C TYR A 107 13.75 -0.54 41.90
N LYS A 108 14.23 0.27 42.86
CA LYS A 108 15.13 -0.18 43.91
C LYS A 108 14.48 -1.29 44.75
N PRO A 109 13.18 -1.19 45.13
CA PRO A 109 12.53 -2.25 45.90
C PRO A 109 12.55 -3.60 45.18
N PHE A 110 12.26 -3.56 43.88
CA PHE A 110 12.06 -4.77 43.09
C PHE A 110 13.40 -5.32 42.61
N LYS A 111 14.46 -4.52 42.73
CA LYS A 111 15.81 -4.96 42.39
C LYS A 111 16.17 -6.22 43.16
N GLN A 112 15.71 -6.31 44.42
CA GLN A 112 16.06 -7.41 45.30
C GLN A 112 15.26 -8.65 44.93
N LEU A 113 14.00 -8.48 44.50
CA LEU A 113 13.11 -9.59 44.19
C LEU A 113 13.78 -10.53 43.19
N HIS A 114 13.62 -11.83 43.41
CA HIS A 114 14.24 -12.86 42.59
C HIS A 114 13.49 -12.99 41.27
N ASN A 115 14.10 -13.74 40.33
CA ASN A 115 13.49 -14.03 39.04
C ASN A 115 13.24 -12.73 38.28
N ARG A 116 14.30 -12.21 37.66
CA ARG A 116 14.22 -11.03 36.83
C ARG A 116 14.75 -11.36 35.43
N ARG A 117 13.96 -11.08 34.40
CA ARG A 117 14.35 -11.41 33.04
C ARG A 117 14.47 -10.16 32.19
N LEU A 118 15.27 -10.29 31.11
CA LEU A 118 15.40 -9.27 30.09
C LEU A 118 14.47 -9.65 28.94
N LEU A 119 13.38 -8.90 28.77
CA LEU A 119 12.27 -9.31 27.93
C LEU A 119 11.92 -8.23 26.91
N TRP A 120 11.37 -8.67 25.78
CA TRP A 120 11.10 -7.79 24.65
C TRP A 120 9.80 -7.02 24.88
N HIS A 121 9.73 -5.82 24.31
CA HIS A 121 8.50 -5.05 24.28
C HIS A 121 8.51 -4.15 23.05
N GLY A 122 7.86 -4.61 21.97
CA GLY A 122 7.72 -3.83 20.76
C GLY A 122 6.57 -2.84 20.91
N SER A 123 6.69 -1.70 20.22
CA SER A 123 5.66 -0.69 20.21
C SER A 123 5.80 0.16 18.94
N ARG A 124 4.79 0.98 18.67
CA ARG A 124 4.82 1.89 17.54
C ARG A 124 5.87 2.97 17.79
N THR A 125 6.54 3.40 16.71
CA THR A 125 7.63 4.37 16.79
C THR A 125 7.11 5.70 17.32
N THR A 126 5.83 6.00 17.05
CA THR A 126 5.19 7.23 17.50
C THR A 126 5.21 7.32 19.03
N ASN A 127 5.08 6.19 19.70
CA ASN A 127 4.81 6.13 21.14
C ASN A 127 6.09 6.30 21.96
N PHE A 128 7.26 6.08 21.34
CA PHE A 128 8.52 6.02 22.08
C PHE A 128 8.88 7.37 22.70
N ALA A 129 8.33 8.46 22.18
CA ALA A 129 8.46 9.78 22.80
C ALA A 129 7.91 9.74 24.22
N GLY A 130 6.68 9.22 24.36
CA GLY A 130 6.01 9.13 25.64
C GLY A 130 6.63 8.06 26.55
N ILE A 131 7.08 6.96 25.96
CA ILE A 131 7.60 5.83 26.72
C ILE A 131 8.90 6.22 27.41
N LEU A 132 9.85 6.80 26.65
CA LEU A 132 11.13 7.16 27.22
C LEU A 132 10.96 8.25 28.27
N SER A 133 10.02 9.17 28.04
CA SER A 133 9.79 10.28 28.95
C SER A 133 9.07 9.80 30.21
N GLN A 134 8.00 9.01 30.04
CA GLN A 134 7.12 8.65 31.14
C GLN A 134 7.26 7.18 31.54
N GLY A 135 8.16 6.44 30.89
CA GLY A 135 8.30 5.02 31.12
C GLY A 135 7.19 4.23 30.46
N LEU A 136 7.25 2.90 30.59
CA LEU A 136 6.15 2.04 30.20
C LEU A 136 5.07 2.13 31.28
N ARG A 137 3.87 2.48 30.83
CA ARG A 137 2.73 2.67 31.71
C ARG A 137 1.65 1.65 31.36
N ILE A 138 0.65 1.54 32.24
CA ILE A 138 -0.50 0.69 32.02
C ILE A 138 -1.41 1.39 31.02
N ALA A 139 -2.16 0.58 30.25
CA ALA A 139 -3.13 1.10 29.31
C ALA A 139 -4.21 1.86 30.09
N PRO A 140 -4.70 3.01 29.58
CA PRO A 140 -5.49 3.93 30.40
C PRO A 140 -6.83 3.33 30.83
N PRO A 141 -7.53 3.92 31.84
CA PRO A 141 -8.81 3.37 32.30
C PRO A 141 -9.91 3.21 31.24
N GLU A 142 -9.88 4.06 30.21
CA GLU A 142 -10.94 4.09 29.20
C GLU A 142 -10.81 2.95 28.20
N ALA A 143 -9.57 2.56 27.88
CA ALA A 143 -9.28 1.62 26.81
C ALA A 143 -10.00 0.30 27.02
N PRO A 144 -10.32 -0.46 25.94
CA PRO A 144 -11.20 -1.63 26.05
C PRO A 144 -10.57 -2.80 26.79
N VAL A 145 -11.26 -3.26 27.85
CA VAL A 145 -10.75 -4.27 28.77
C VAL A 145 -11.03 -5.67 28.22
N THR A 146 -11.94 -5.77 27.26
CA THR A 146 -12.24 -7.03 26.58
C THR A 146 -11.02 -7.51 25.80
N GLY A 147 -10.30 -6.58 25.17
CA GLY A 147 -9.20 -6.92 24.30
C GLY A 147 -7.85 -6.99 25.03
N TYR A 148 -7.79 -7.79 26.10
CA TYR A 148 -6.52 -8.14 26.74
C TYR A 148 -6.58 -9.60 27.19
N MET A 149 -5.43 -10.27 27.11
CA MET A 149 -5.33 -11.67 27.50
C MET A 149 -5.37 -11.79 29.01
N PHE A 150 -4.44 -11.11 29.69
CA PHE A 150 -4.30 -11.23 31.14
C PHE A 150 -4.51 -9.84 31.77
N GLY A 151 -5.66 -9.23 31.46
CA GLY A 151 -6.05 -7.95 32.04
C GLY A 151 -5.14 -6.82 31.56
N LYS A 152 -5.34 -5.63 32.13
CA LYS A 152 -4.48 -4.48 31.85
C LYS A 152 -3.19 -4.62 32.65
N GLY A 153 -2.06 -4.66 31.94
CA GLY A 153 -0.75 -4.69 32.57
C GLY A 153 0.32 -4.15 31.63
N ILE A 154 1.53 -4.73 31.72
CA ILE A 154 2.62 -4.43 30.82
C ILE A 154 3.14 -5.75 30.25
N TYR A 155 3.05 -5.91 28.93
CA TYR A 155 3.30 -7.19 28.29
C TYR A 155 4.75 -7.24 27.80
N PHE A 156 5.34 -8.43 27.89
CA PHE A 156 6.68 -8.69 27.41
C PHE A 156 6.72 -10.11 26.84
N ALA A 157 7.72 -10.38 26.00
CA ALA A 157 7.91 -11.72 25.45
C ALA A 157 9.38 -12.12 25.59
N ASP A 158 9.62 -13.43 25.53
CA ASP A 158 10.96 -13.99 25.47
C ASP A 158 11.31 -14.31 24.02
N MET A 159 10.31 -14.20 23.13
CA MET A 159 10.53 -14.27 21.70
C MET A 159 10.58 -12.86 21.13
N VAL A 160 11.60 -12.55 20.33
CA VAL A 160 11.75 -11.25 19.71
C VAL A 160 10.64 -11.07 18.67
N SER A 161 10.32 -12.16 17.95
CA SER A 161 9.42 -12.08 16.80
C SER A 161 7.98 -11.80 17.23
N LYS A 162 7.62 -12.16 18.47
CA LYS A 162 6.28 -11.92 18.98
C LYS A 162 6.11 -10.43 19.31
N SER A 163 7.09 -9.87 20.02
CA SER A 163 7.05 -8.47 20.42
C SER A 163 7.21 -7.55 19.21
N ALA A 164 8.08 -7.95 18.27
CA ALA A 164 8.38 -7.17 17.10
C ALA A 164 7.11 -6.86 16.30
N ASN A 165 6.14 -7.78 16.33
CA ASN A 165 4.87 -7.60 15.64
C ASN A 165 4.20 -6.29 16.05
N TYR A 166 4.47 -5.82 17.26
CA TYR A 166 3.80 -4.65 17.80
C TYR A 166 4.56 -3.38 17.47
N CYS A 167 5.60 -3.48 16.62
CA CYS A 167 6.24 -2.31 16.05
C CYS A 167 5.41 -1.76 14.89
N HIS A 168 4.67 -2.65 14.22
CA HIS A 168 3.77 -2.28 13.13
C HIS A 168 4.57 -1.66 11.99
N THR A 169 5.64 -2.37 11.58
CA THR A 169 6.46 -1.93 10.46
C THR A 169 5.84 -2.46 9.18
N SER A 170 5.77 -1.60 8.15
CA SER A 170 5.23 -1.96 6.86
C SER A 170 6.35 -2.04 5.83
N GLN A 171 6.02 -2.46 4.60
CA GLN A 171 6.99 -2.60 3.53
C GLN A 171 7.69 -1.27 3.28
N GLY A 172 6.91 -0.18 3.24
CA GLY A 172 7.44 1.15 2.99
C GLY A 172 7.73 1.92 4.28
N ASP A 173 8.03 1.17 5.35
CA ASP A 173 8.39 1.77 6.63
C ASP A 173 9.02 0.68 7.50
N PRO A 174 10.10 0.01 7.03
CA PRO A 174 10.54 -1.25 7.63
C PRO A 174 11.55 -1.17 8.78
N ILE A 175 11.69 0.02 9.39
CA ILE A 175 12.60 0.22 10.50
C ILE A 175 11.77 0.38 11.77
N GLY A 176 12.06 -0.45 12.79
CA GLY A 176 11.25 -0.50 13.99
C GLY A 176 12.12 -0.50 15.25
N LEU A 177 11.55 0.05 16.33
CA LEU A 177 12.22 0.14 17.62
C LEU A 177 11.59 -0.87 18.57
N ILE A 178 12.43 -1.52 19.38
CA ILE A 178 11.98 -2.56 20.29
C ILE A 178 12.76 -2.43 21.60
N LEU A 179 12.07 -2.62 22.72
CA LEU A 179 12.68 -2.46 24.04
C LEU A 179 13.18 -3.80 24.54
N LEU A 180 14.34 -3.77 25.20
CA LEU A 180 14.72 -4.79 26.17
C LEU A 180 14.63 -4.15 27.54
N GLY A 181 13.90 -4.81 28.45
CA GLY A 181 13.68 -4.30 29.80
C GLY A 181 14.02 -5.36 30.84
N GLU A 182 14.63 -4.92 31.94
CA GLU A 182 14.78 -5.75 33.14
C GLU A 182 13.44 -5.74 33.86
N VAL A 183 12.80 -6.92 33.95
CA VAL A 183 11.46 -7.03 34.49
C VAL A 183 11.52 -7.92 35.73
N ALA A 184 11.19 -7.33 36.89
CA ALA A 184 11.12 -8.08 38.15
C ALA A 184 9.85 -8.94 38.15
N LEU A 185 9.99 -10.17 37.65
CA LEU A 185 8.87 -11.10 37.53
C LEU A 185 8.47 -11.56 38.93
N GLY A 186 9.44 -12.07 39.69
CA GLY A 186 9.19 -12.60 41.03
C GLY A 186 8.63 -14.01 40.97
N ASN A 187 7.57 -14.24 41.76
CA ASN A 187 6.84 -15.50 41.71
C ASN A 187 5.80 -15.41 40.61
N MET A 188 6.05 -16.12 39.51
CA MET A 188 5.19 -16.05 38.35
C MET A 188 3.95 -16.90 38.59
N TYR A 189 2.78 -16.31 38.36
CA TYR A 189 1.54 -17.06 38.32
C TYR A 189 1.36 -17.61 36.90
N GLU A 190 1.70 -18.88 36.71
CA GLU A 190 1.90 -19.46 35.40
C GLU A 190 0.60 -20.08 34.90
N LEU A 191 -0.04 -19.41 33.93
CA LEU A 191 -1.35 -19.79 33.43
C LEU A 191 -1.21 -20.38 32.04
N LYS A 192 -2.19 -21.20 31.65
CA LYS A 192 -2.21 -21.87 30.36
C LYS A 192 -3.26 -21.26 29.43
N HIS A 193 -4.14 -20.43 29.99
CA HIS A 193 -5.23 -19.85 29.23
C HIS A 193 -5.57 -18.48 29.83
N ALA A 194 -5.90 -17.54 28.94
CA ALA A 194 -6.23 -16.17 29.30
C ALA A 194 -7.21 -16.15 30.46
N SER A 195 -7.03 -15.18 31.36
CA SER A 195 -7.88 -15.01 32.52
C SER A 195 -8.04 -13.52 32.81
N HIS A 196 -9.30 -13.08 32.97
CA HIS A 196 -9.59 -11.69 33.25
C HIS A 196 -9.16 -11.38 34.68
N ILE A 197 -7.87 -11.06 34.85
CA ILE A 197 -7.27 -10.86 36.16
C ILE A 197 -7.49 -9.39 36.56
N SER A 198 -7.67 -9.18 37.88
CA SER A 198 -7.60 -7.86 38.48
C SER A 198 -6.51 -7.89 39.55
N LYS A 199 -6.72 -8.73 40.57
CA LYS A 199 -5.79 -8.92 41.66
C LYS A 199 -5.07 -10.26 41.49
N LEU A 200 -3.82 -10.32 41.96
CA LEU A 200 -3.00 -11.52 41.86
C LEU A 200 -3.29 -12.43 43.03
N PRO A 201 -2.88 -13.72 42.99
CA PRO A 201 -2.78 -14.54 44.20
C PRO A 201 -1.72 -13.95 45.13
N LYS A 202 -1.85 -14.22 46.44
CA LYS A 202 -0.88 -13.76 47.41
C LYS A 202 0.47 -14.43 47.15
N GLY A 203 1.54 -13.63 47.16
CA GLY A 203 2.88 -14.13 46.91
C GLY A 203 3.29 -13.92 45.45
N LYS A 204 2.32 -13.93 44.54
CA LYS A 204 2.58 -13.74 43.12
C LYS A 204 2.84 -12.27 42.84
N HIS A 205 3.71 -12.01 41.86
CA HIS A 205 4.07 -10.64 41.47
C HIS A 205 3.88 -10.46 39.96
N SER A 206 4.21 -11.49 39.18
CA SER A 206 3.97 -11.48 37.75
C SER A 206 2.95 -12.55 37.37
N VAL A 207 2.44 -12.44 36.14
CA VAL A 207 1.72 -13.51 35.49
C VAL A 207 2.53 -13.92 34.27
N LYS A 208 2.71 -15.24 34.08
CA LYS A 208 3.34 -15.75 32.88
C LYS A 208 2.34 -16.62 32.11
N GLY A 209 2.04 -16.22 30.88
CA GLY A 209 1.31 -17.07 29.96
C GLY A 209 2.21 -18.15 29.40
N LEU A 210 1.90 -19.41 29.73
CA LEU A 210 2.69 -20.55 29.27
C LEU A 210 2.37 -20.83 27.80
N GLY A 211 3.41 -20.77 26.96
CA GLY A 211 3.29 -21.02 25.54
C GLY A 211 3.77 -22.43 25.19
N LYS A 212 3.43 -22.87 23.97
CA LYS A 212 3.81 -24.19 23.48
C LYS A 212 5.30 -24.22 23.19
N THR A 213 5.76 -23.29 22.35
CA THR A 213 7.17 -23.19 21.99
C THR A 213 7.83 -22.13 22.86
N THR A 214 9.02 -22.47 23.39
CA THR A 214 9.70 -21.68 24.40
C THR A 214 11.18 -21.59 24.04
N PRO A 215 11.88 -20.49 24.43
CA PRO A 215 13.35 -20.48 24.41
C PRO A 215 13.88 -21.57 25.33
N ASP A 216 14.73 -22.44 24.78
CA ASP A 216 15.31 -23.56 25.52
C ASP A 216 15.78 -23.05 26.88
N PRO A 217 15.29 -23.61 28.00
CA PRO A 217 15.64 -23.09 29.33
C PRO A 217 17.08 -23.35 29.74
N SER A 218 17.66 -24.45 29.24
CA SER A 218 18.99 -24.86 29.62
C SER A 218 20.05 -24.22 28.71
N ALA A 219 19.64 -23.27 27.86
CA ALA A 219 20.56 -22.54 27.01
C ALA A 219 20.47 -21.04 27.32
N ASN A 220 20.00 -20.71 28.53
CA ASN A 220 19.92 -19.33 28.98
C ASN A 220 21.27 -18.91 29.52
N ILE A 221 21.46 -17.58 29.64
CA ILE A 221 22.67 -17.02 30.23
C ILE A 221 22.27 -15.87 31.15
N SER A 222 23.23 -15.37 31.92
CA SER A 222 23.00 -14.28 32.86
C SER A 222 23.87 -13.08 32.50
N LEU A 223 23.22 -11.99 32.06
CA LEU A 223 23.88 -10.71 31.81
C LEU A 223 23.56 -9.77 32.98
N ASP A 224 24.61 -9.37 33.69
CA ASP A 224 24.48 -8.64 34.95
C ASP A 224 23.65 -9.49 35.91
N GLY A 225 22.75 -8.87 36.67
CA GLY A 225 21.92 -9.60 37.63
C GLY A 225 20.58 -9.98 37.02
N VAL A 226 20.61 -10.56 35.82
CA VAL A 226 19.40 -10.79 35.04
C VAL A 226 19.54 -12.10 34.27
N ASP A 227 18.45 -12.88 34.22
CA ASP A 227 18.33 -14.00 33.31
C ASP A 227 18.01 -13.47 31.91
N VAL A 228 18.69 -14.01 30.91
CA VAL A 228 18.38 -13.71 29.52
C VAL A 228 18.01 -15.01 28.81
N PRO A 229 16.74 -15.20 28.40
CA PRO A 229 16.28 -16.46 27.82
C PRO A 229 16.52 -16.54 26.31
N LEU A 230 17.81 -16.60 25.92
CA LEU A 230 18.20 -16.45 24.53
C LEU A 230 18.33 -17.82 23.85
N GLY A 231 17.71 -18.85 24.44
CA GLY A 231 17.71 -20.17 23.83
C GLY A 231 16.96 -20.16 22.50
N THR A 232 17.21 -21.19 21.67
CA THR A 232 16.46 -21.41 20.46
C THR A 232 15.06 -21.90 20.83
N GLY A 233 14.09 -21.68 19.93
CA GLY A 233 12.73 -22.11 20.16
C GLY A 233 12.61 -23.64 20.16
N ILE A 234 12.10 -24.19 21.28
CA ILE A 234 11.80 -25.61 21.40
C ILE A 234 10.42 -25.77 22.04
N SER A 235 9.92 -27.01 22.06
CA SER A 235 8.68 -27.32 22.74
C SER A 235 8.88 -27.26 24.25
N SER A 236 7.90 -26.68 24.95
CA SER A 236 8.00 -26.42 26.38
C SER A 236 7.59 -27.64 27.19
N GLY A 237 6.92 -28.60 26.53
CA GLY A 237 6.40 -29.79 27.20
C GLY A 237 5.04 -29.52 27.83
N VAL A 238 4.46 -28.35 27.52
CA VAL A 238 3.17 -27.94 28.04
C VAL A 238 2.12 -28.28 26.99
N ASN A 239 1.27 -29.27 27.30
CA ASN A 239 0.28 -29.77 26.36
C ASN A 239 -0.91 -28.84 26.23
N ASP A 240 -1.53 -28.47 27.35
CA ASP A 240 -2.90 -27.97 27.34
C ASP A 240 -2.90 -26.46 27.51
N THR A 241 -2.40 -25.74 26.50
CA THR A 241 -2.38 -24.29 26.51
C THR A 241 -2.69 -23.76 25.11
N SER A 242 -3.25 -22.54 25.07
CA SER A 242 -3.71 -21.94 23.82
C SER A 242 -2.63 -21.05 23.19
N LEU A 243 -1.67 -20.61 24.00
CA LEU A 243 -0.65 -19.64 23.58
C LEU A 243 0.40 -20.37 22.74
N LEU A 244 0.84 -19.75 21.63
CA LEU A 244 1.95 -20.25 20.85
C LEU A 244 3.27 -19.98 21.57
N TYR A 245 3.42 -18.73 22.04
CA TYR A 245 4.67 -18.28 22.65
C TYR A 245 4.38 -17.76 24.06
N ASN A 246 5.41 -17.79 24.91
CA ASN A 246 5.30 -17.30 26.27
C ASN A 246 5.08 -15.78 26.22
N GLU A 247 4.39 -15.26 27.24
CA GLU A 247 4.30 -13.83 27.45
C GLU A 247 4.34 -13.54 28.95
N TYR A 248 4.75 -12.32 29.29
CA TYR A 248 5.00 -11.92 30.66
C TYR A 248 4.22 -10.62 30.93
N ILE A 249 3.55 -10.58 32.09
CA ILE A 249 2.72 -9.45 32.46
C ILE A 249 3.07 -9.02 33.88
N VAL A 250 3.16 -7.70 34.08
CA VAL A 250 3.34 -7.12 35.41
C VAL A 250 2.37 -5.96 35.56
N TYR A 251 1.81 -5.81 36.77
CA TYR A 251 0.66 -4.94 37.00
C TYR A 251 1.08 -3.69 37.79
N ASP A 252 2.35 -3.64 38.22
CA ASP A 252 2.93 -2.47 38.86
C ASP A 252 4.03 -1.92 37.95
N ILE A 253 3.97 -0.62 37.63
CA ILE A 253 4.82 -0.04 36.60
C ILE A 253 6.25 0.13 37.14
N ALA A 254 6.45 -0.12 38.44
CA ALA A 254 7.76 -0.01 39.06
C ALA A 254 8.55 -1.31 38.95
N GLN A 255 7.95 -2.34 38.33
CA GLN A 255 8.61 -3.62 38.15
C GLN A 255 9.37 -3.65 36.82
N VAL A 256 9.30 -2.55 36.04
CA VAL A 256 9.95 -2.47 34.75
C VAL A 256 11.15 -1.53 34.85
N ASN A 257 12.32 -2.02 34.44
CA ASN A 257 13.50 -1.20 34.26
C ASN A 257 14.01 -1.39 32.85
N LEU A 258 13.93 -0.33 32.04
CA LEU A 258 14.33 -0.38 30.65
C LEU A 258 15.85 -0.34 30.56
N LYS A 259 16.42 -1.20 29.70
CA LYS A 259 17.86 -1.40 29.63
C LYS A 259 18.39 -1.00 28.25
N TYR A 260 17.79 -1.56 27.19
CA TYR A 260 18.22 -1.30 25.83
C TYR A 260 17.02 -0.93 24.97
N LEU A 261 17.31 -0.26 23.85
CA LEU A 261 16.29 0.17 22.89
C LEU A 261 16.85 -0.05 21.49
N LEU A 262 16.66 -1.25 20.95
CA LEU A 262 17.27 -1.62 19.68
C LEU A 262 16.61 -0.84 18.54
N LYS A 263 17.24 -0.93 17.36
CA LYS A 263 16.68 -0.41 16.12
C LYS A 263 16.75 -1.52 15.09
N LEU A 264 15.58 -2.05 14.71
CA LEU A 264 15.47 -3.24 13.89
C LEU A 264 15.18 -2.87 12.44
N LYS A 265 15.55 -3.78 11.54
CA LYS A 265 15.23 -3.69 10.12
C LYS A 265 14.45 -4.93 9.71
N PHE A 266 13.19 -4.73 9.34
CA PHE A 266 12.32 -5.81 8.90
C PHE A 266 12.55 -6.05 7.41
N ASN A 267 13.10 -7.23 7.09
CA ASN A 267 13.39 -7.60 5.72
C ASN A 267 12.32 -8.58 5.24
N PHE A 268 11.22 -8.06 4.71
CA PHE A 268 10.06 -8.86 4.35
C PHE A 268 10.39 -9.79 3.20
N LYS A 269 9.53 -10.79 2.99
CA LYS A 269 9.71 -11.79 1.94
C LYS A 269 8.68 -11.56 0.84
N SER B 24 -46.32 1.72 30.05
CA SER B 24 -45.64 1.59 28.74
C SER B 24 -46.26 0.44 27.93
N LYS B 25 -46.72 0.77 26.71
CA LYS B 25 -47.25 -0.23 25.79
C LYS B 25 -46.10 -0.75 24.93
N LEU B 26 -45.08 -1.29 25.60
CA LEU B 26 -43.87 -1.78 24.94
C LEU B 26 -43.47 -3.11 25.57
N PRO B 27 -42.76 -4.00 24.83
CA PRO B 27 -42.23 -5.24 25.43
C PRO B 27 -41.28 -4.94 26.59
N LYS B 28 -41.10 -5.91 27.48
CA LYS B 28 -40.20 -5.76 28.61
C LYS B 28 -38.76 -5.60 28.12
N PRO B 29 -38.28 -6.39 27.13
CA PRO B 29 -36.92 -6.23 26.62
C PRO B 29 -36.59 -4.82 26.12
N VAL B 30 -37.59 -4.14 25.54
CA VAL B 30 -37.40 -2.80 25.00
C VAL B 30 -37.21 -1.81 26.13
N GLN B 31 -38.05 -1.92 27.17
CA GLN B 31 -38.06 -0.96 28.27
C GLN B 31 -36.73 -1.01 29.02
N ASP B 32 -36.12 -2.20 29.11
CA ASP B 32 -34.77 -2.34 29.61
C ASP B 32 -33.82 -1.49 28.77
N LEU B 33 -33.89 -1.70 27.45
CA LEU B 33 -33.05 -1.00 26.49
C LEU B 33 -33.19 0.53 26.65
N ILE B 34 -34.42 0.99 26.93
CA ILE B 34 -34.66 2.42 27.10
C ILE B 34 -33.85 2.92 28.29
N LYS B 35 -34.06 2.29 29.45
CA LYS B 35 -33.38 2.66 30.68
C LYS B 35 -31.86 2.51 30.52
N MET B 36 -31.44 1.46 29.80
CA MET B 36 -30.04 1.17 29.59
C MET B 36 -29.34 2.37 28.97
N ILE B 37 -29.92 2.91 27.89
CA ILE B 37 -29.32 4.02 27.16
C ILE B 37 -29.38 5.29 28.03
N PHE B 38 -30.59 5.68 28.42
CA PHE B 38 -30.78 6.87 29.23
C PHE B 38 -30.40 6.54 30.68
N PRO B 48 -39.26 9.00 33.01
CA PRO B 48 -40.22 8.75 31.94
C PRO B 48 -39.61 7.90 30.82
N ILE B 49 -40.35 6.88 30.38
CA ILE B 49 -39.85 5.88 29.45
C ILE B 49 -40.30 6.24 28.04
N ASP B 50 -41.62 6.40 27.86
CA ASP B 50 -42.22 6.58 26.55
C ASP B 50 -41.84 7.93 25.96
N VAL B 51 -41.55 8.92 26.81
CA VAL B 51 -41.07 10.21 26.36
C VAL B 51 -39.67 10.04 25.78
N ASN B 52 -38.86 9.20 26.42
CA ASN B 52 -37.48 8.96 26.02
C ASN B 52 -37.44 8.11 24.75
N TYR B 53 -38.48 7.29 24.52
CA TYR B 53 -38.54 6.43 23.35
C TYR B 53 -38.73 7.27 22.08
N GLU B 54 -39.55 8.33 22.20
CA GLU B 54 -39.80 9.23 21.08
C GLU B 54 -38.53 10.01 20.74
N LYS B 55 -37.74 10.36 21.77
CA LYS B 55 -36.53 11.16 21.59
C LYS B 55 -35.49 10.41 20.74
N LEU B 56 -35.55 9.08 20.74
CA LEU B 56 -34.70 8.27 19.88
C LEU B 56 -35.16 8.39 18.43
N LYS B 57 -36.45 8.67 18.22
CA LYS B 57 -37.00 8.83 16.88
C LYS B 57 -36.67 7.57 16.08
N THR B 58 -37.02 6.42 16.65
CA THR B 58 -36.63 5.13 16.12
C THR B 58 -37.68 4.09 16.52
N ASP B 59 -38.16 3.32 15.53
CA ASP B 59 -39.09 2.24 15.81
C ASP B 59 -38.29 0.99 16.19
N ILE B 60 -38.36 0.63 17.47
CA ILE B 60 -37.59 -0.48 18.01
C ILE B 60 -38.53 -1.66 18.26
N LYS B 61 -38.52 -2.62 17.32
CA LYS B 61 -39.24 -3.87 17.49
C LYS B 61 -38.25 -4.95 17.93
N VAL B 62 -38.71 -5.85 18.80
CA VAL B 62 -37.91 -7.00 19.21
C VAL B 62 -38.09 -8.10 18.17
N VAL B 63 -36.98 -8.66 17.69
CA VAL B 63 -37.03 -9.75 16.74
C VAL B 63 -37.31 -11.03 17.51
N ASP B 64 -38.08 -11.94 16.89
CA ASP B 64 -38.46 -13.18 17.55
C ASP B 64 -37.29 -14.15 17.50
N ARG B 65 -37.10 -14.90 18.59
CA ARG B 65 -35.96 -15.79 18.74
C ARG B 65 -36.07 -16.95 17.75
N ASP B 66 -37.29 -17.41 17.51
CA ASP B 66 -37.54 -18.42 16.49
C ASP B 66 -38.03 -17.72 15.21
N SER B 67 -37.09 -17.09 14.50
CA SER B 67 -37.36 -16.46 13.22
C SER B 67 -36.21 -16.72 12.26
N GLU B 68 -36.33 -16.24 11.02
CA GLU B 68 -35.27 -16.36 10.04
C GLU B 68 -34.12 -15.41 10.38
N GLU B 69 -34.48 -14.18 10.78
CA GLU B 69 -33.49 -13.14 11.05
C GLU B 69 -32.61 -13.58 12.21
N ALA B 70 -33.24 -13.97 13.33
CA ALA B 70 -32.53 -14.29 14.56
C ALA B 70 -31.56 -15.45 14.34
N GLU B 71 -31.99 -16.46 13.57
CA GLU B 71 -31.19 -17.64 13.32
C GLU B 71 -29.95 -17.28 12.49
N ILE B 72 -30.06 -16.23 11.67
CA ILE B 72 -28.94 -15.71 10.91
C ILE B 72 -28.08 -14.83 11.83
N ILE B 73 -28.73 -13.89 12.52
CA ILE B 73 -28.02 -12.89 13.31
C ILE B 73 -27.21 -13.55 14.41
N ARG B 74 -27.75 -14.56 15.08
CA ARG B 74 -27.04 -15.21 16.17
C ARG B 74 -25.98 -16.16 15.61
N LYS B 75 -26.13 -16.58 14.35
CA LYS B 75 -25.12 -17.39 13.68
C LYS B 75 -23.96 -16.49 13.24
N TYR B 76 -24.26 -15.24 12.88
CA TYR B 76 -23.25 -14.26 12.52
C TYR B 76 -22.33 -14.03 13.71
N VAL B 77 -22.93 -13.93 14.90
CA VAL B 77 -22.22 -13.67 16.14
C VAL B 77 -21.40 -14.89 16.55
N LYS B 78 -21.86 -16.10 16.22
CA LYS B 78 -21.15 -17.31 16.63
C LYS B 78 -19.92 -17.51 15.76
N ASN B 79 -20.06 -17.33 14.45
CA ASN B 79 -19.02 -17.69 13.50
C ASN B 79 -17.87 -16.70 13.55
N THR B 80 -18.18 -15.42 13.73
CA THR B 80 -17.19 -14.36 13.56
C THR B 80 -16.57 -13.97 14.89
N HIS B 81 -16.79 -14.79 15.93
CA HIS B 81 -16.15 -14.61 17.23
C HIS B 81 -14.75 -15.19 17.13
N ALA B 82 -13.74 -14.32 17.15
CA ALA B 82 -12.36 -14.74 17.23
C ALA B 82 -12.11 -15.41 18.59
N THR B 83 -12.67 -16.62 18.77
CA THR B 83 -12.88 -17.23 20.08
C THR B 83 -11.56 -17.70 20.69
N THR B 84 -10.63 -18.14 19.84
CA THR B 84 -9.30 -18.55 20.26
C THR B 84 -8.61 -17.36 20.93
N HIS B 85 -8.63 -16.20 20.26
CA HIS B 85 -7.95 -15.01 20.74
C HIS B 85 -8.86 -14.13 21.61
N ASN B 86 -10.00 -14.66 22.12
CA ASN B 86 -10.95 -13.86 22.87
C ASN B 86 -10.91 -14.16 24.37
N ALA B 87 -10.70 -13.09 25.14
CA ALA B 87 -10.77 -13.15 26.60
C ALA B 87 -12.21 -13.34 27.07
N TYR B 88 -13.15 -13.61 26.16
CA TYR B 88 -14.55 -13.72 26.54
C TYR B 88 -15.31 -14.49 25.46
N ASP B 89 -16.49 -14.99 25.84
CA ASP B 89 -17.44 -15.54 24.88
C ASP B 89 -18.69 -14.69 24.91
N LEU B 90 -19.36 -14.57 23.76
CA LEU B 90 -20.54 -13.72 23.63
C LEU B 90 -21.81 -14.56 23.78
N GLU B 91 -22.87 -13.86 24.17
CA GLU B 91 -24.20 -14.44 24.29
C GLU B 91 -25.21 -13.36 23.93
N VAL B 92 -26.08 -13.66 22.96
CA VAL B 92 -27.03 -12.70 22.45
C VAL B 92 -28.27 -12.72 23.34
N ILE B 93 -28.51 -11.62 24.07
CA ILE B 93 -29.61 -11.54 25.01
C ILE B 93 -30.89 -11.17 24.25
N ASP B 94 -30.89 -9.98 23.66
CA ASP B 94 -32.05 -9.45 22.95
C ASP B 94 -31.60 -8.84 21.63
N ILE B 95 -32.28 -9.23 20.54
CA ILE B 95 -32.11 -8.59 19.25
C ILE B 95 -33.19 -7.53 19.12
N PHE B 96 -32.92 -6.48 18.32
CA PHE B 96 -33.86 -5.41 18.10
C PHE B 96 -33.80 -4.95 16.64
N LYS B 97 -34.92 -5.07 15.93
CA LYS B 97 -35.04 -4.50 14.60
C LYS B 97 -35.34 -3.01 14.73
N ILE B 98 -34.46 -2.18 14.15
CA ILE B 98 -34.53 -0.73 14.32
C ILE B 98 -34.76 -0.09 12.96
N GLU B 99 -35.36 1.11 12.99
CA GLU B 99 -35.83 1.80 11.81
C GLU B 99 -35.86 3.29 12.10
N ARG B 100 -34.69 3.93 12.03
CA ARG B 100 -34.59 5.35 12.29
C ARG B 100 -35.50 6.14 11.36
N GLU B 101 -36.05 7.25 11.87
CA GLU B 101 -37.00 8.06 11.14
C GLU B 101 -36.29 8.84 10.04
N GLY B 102 -36.78 8.66 8.81
CA GLY B 102 -36.29 9.39 7.64
C GLY B 102 -35.08 8.72 7.00
N GLU B 103 -34.59 7.62 7.59
CA GLU B 103 -33.34 7.03 7.19
C GLU B 103 -33.55 6.19 5.92
N CYS B 104 -34.77 5.67 5.74
CA CYS B 104 -35.10 4.90 4.55
C CYS B 104 -35.08 5.80 3.32
N GLN B 105 -35.53 7.04 3.49
CA GLN B 105 -35.68 7.98 2.38
C GLN B 105 -34.33 8.62 2.05
N ARG B 106 -33.48 8.80 3.07
CA ARG B 106 -32.16 9.38 2.88
C ARG B 106 -31.23 8.38 2.19
N TYR B 107 -31.47 7.08 2.42
CA TYR B 107 -30.64 6.00 1.92
C TYR B 107 -31.09 5.56 0.52
N LYS B 108 -32.14 6.19 -0.01
CA LYS B 108 -32.79 5.75 -1.23
C LYS B 108 -31.81 5.76 -2.40
N PRO B 109 -30.96 6.79 -2.58
CA PRO B 109 -29.99 6.80 -3.68
C PRO B 109 -29.04 5.60 -3.64
N PHE B 110 -28.56 5.28 -2.44
CA PHE B 110 -27.51 4.29 -2.26
C PHE B 110 -28.12 2.88 -2.22
N LYS B 111 -29.44 2.80 -2.07
CA LYS B 111 -30.15 1.53 -2.10
C LYS B 111 -29.82 0.76 -3.39
N GLN B 112 -29.69 1.51 -4.49
CA GLN B 112 -29.46 0.91 -5.81
C GLN B 112 -28.03 0.42 -5.95
N LEU B 113 -27.07 1.16 -5.35
CA LEU B 113 -25.65 0.86 -5.48
C LEU B 113 -25.39 -0.59 -5.08
N HIS B 114 -24.52 -1.26 -5.86
CA HIS B 114 -24.21 -2.66 -5.65
C HIS B 114 -23.25 -2.81 -4.48
N ASN B 115 -23.06 -4.06 -4.04
CA ASN B 115 -22.14 -4.40 -2.96
C ASN B 115 -22.58 -3.69 -1.68
N ARG B 116 -23.57 -4.27 -0.99
CA ARG B 116 -24.05 -3.76 0.27
C ARG B 116 -23.97 -4.89 1.31
N ARG B 117 -23.30 -4.62 2.44
CA ARG B 117 -23.10 -5.64 3.45
C ARG B 117 -23.77 -5.22 4.76
N LEU B 118 -24.08 -6.24 5.57
CA LEU B 118 -24.55 -6.06 6.93
C LEU B 118 -23.36 -6.20 7.87
N LEU B 119 -22.93 -5.09 8.46
CA LEU B 119 -21.64 -5.02 9.14
C LEU B 119 -21.81 -4.50 10.57
N TRP B 120 -20.88 -4.91 11.43
CA TRP B 120 -20.94 -4.60 12.85
C TRP B 120 -20.44 -3.18 13.13
N HIS B 121 -20.99 -2.58 14.19
CA HIS B 121 -20.48 -1.30 14.69
C HIS B 121 -20.74 -1.20 16.19
N GLY B 122 -19.73 -1.55 16.98
CA GLY B 122 -19.80 -1.44 18.43
C GLY B 122 -19.54 0.00 18.85
N SER B 123 -20.15 0.39 19.98
CA SER B 123 -19.95 1.71 20.54
C SER B 123 -20.29 1.67 22.03
N ARG B 124 -19.94 2.75 22.73
CA ARG B 124 -20.25 2.87 24.14
C ARG B 124 -21.76 3.07 24.30
N THR B 125 -22.29 2.51 25.39
CA THR B 125 -23.72 2.50 25.65
C THR B 125 -24.24 3.93 25.82
N THR B 126 -23.36 4.83 26.31
CA THR B 126 -23.70 6.22 26.52
C THR B 126 -24.11 6.89 25.20
N ASN B 127 -23.47 6.48 24.10
CA ASN B 127 -23.56 7.18 22.82
C ASN B 127 -24.83 6.84 22.05
N PHE B 128 -25.47 5.71 22.39
CA PHE B 128 -26.56 5.18 21.58
C PHE B 128 -27.78 6.11 21.60
N ALA B 129 -27.88 6.97 22.63
CA ALA B 129 -28.91 8.01 22.64
C ALA B 129 -28.77 8.91 21.41
N GLY B 130 -27.54 9.38 21.17
CA GLY B 130 -27.25 10.27 20.07
C GLY B 130 -27.29 9.55 18.72
N ILE B 131 -26.85 8.28 18.70
CA ILE B 131 -26.75 7.51 17.48
C ILE B 131 -28.14 7.24 16.91
N LEU B 132 -29.06 6.73 17.75
CA LEU B 132 -30.39 6.39 17.28
C LEU B 132 -31.13 7.65 16.87
N SER B 133 -30.91 8.76 17.58
CA SER B 133 -31.59 10.01 17.29
C SER B 133 -31.02 10.66 16.02
N GLN B 134 -29.68 10.72 15.92
CA GLN B 134 -29.04 11.50 14.86
C GLN B 134 -28.35 10.60 13.83
N GLY B 135 -28.46 9.27 13.99
CA GLY B 135 -27.76 8.33 13.13
C GLY B 135 -26.28 8.26 13.48
N LEU B 136 -25.53 7.42 12.77
CA LEU B 136 -24.08 7.39 12.89
C LEU B 136 -23.52 8.58 12.10
N ARG B 137 -22.73 9.42 12.79
CA ARG B 137 -22.22 10.64 12.20
C ARG B 137 -20.69 10.60 12.15
N ILE B 138 -20.11 11.46 11.31
CA ILE B 138 -18.68 11.61 11.22
C ILE B 138 -18.23 12.44 12.42
N ALA B 139 -16.98 12.26 12.87
CA ALA B 139 -16.35 13.24 13.74
C ALA B 139 -16.21 14.56 12.95
N PRO B 140 -16.47 15.74 13.58
CA PRO B 140 -16.58 16.98 12.83
C PRO B 140 -15.27 17.41 12.17
N PRO B 141 -15.30 18.37 11.19
CA PRO B 141 -14.07 18.85 10.54
C PRO B 141 -12.96 19.38 11.47
N GLU B 142 -13.35 19.93 12.63
CA GLU B 142 -12.41 20.60 13.51
C GLU B 142 -11.60 19.59 14.33
N ALA B 143 -12.22 18.46 14.69
CA ALA B 143 -11.65 17.50 15.63
C ALA B 143 -10.29 17.01 15.15
N PRO B 144 -9.41 16.53 16.07
CA PRO B 144 -8.08 16.04 15.70
C PRO B 144 -8.09 14.77 14.85
N VAL B 145 -7.42 14.85 13.69
CA VAL B 145 -7.57 13.90 12.61
C VAL B 145 -6.65 12.69 12.81
N THR B 146 -5.65 12.84 13.69
CA THR B 146 -4.48 11.98 13.71
C THR B 146 -4.86 10.54 14.08
N GLY B 147 -5.81 10.38 15.00
CA GLY B 147 -6.10 9.08 15.59
C GLY B 147 -7.19 8.32 14.84
N TYR B 148 -6.98 8.08 13.53
CA TYR B 148 -7.85 7.24 12.72
C TYR B 148 -7.01 6.47 11.71
N MET B 149 -7.46 5.25 11.37
CA MET B 149 -6.76 4.39 10.44
C MET B 149 -6.92 4.93 9.02
N PHE B 150 -8.17 5.06 8.57
CA PHE B 150 -8.48 5.48 7.21
C PHE B 150 -9.27 6.78 7.24
N GLY B 151 -8.70 7.80 7.91
CA GLY B 151 -9.29 9.12 8.00
C GLY B 151 -10.60 9.11 8.77
N LYS B 152 -11.29 10.26 8.81
CA LYS B 152 -12.56 10.38 9.48
C LYS B 152 -13.66 9.79 8.60
N GLY B 153 -14.35 8.78 9.14
CA GLY B 153 -15.44 8.12 8.43
C GLY B 153 -16.37 7.42 9.41
N ILE B 154 -16.98 6.33 8.93
CA ILE B 154 -17.83 5.47 9.75
C ILE B 154 -17.31 4.03 9.60
N TYR B 155 -16.87 3.45 10.72
CA TYR B 155 -16.14 2.19 10.69
C TYR B 155 -17.10 1.03 10.94
N PHE B 156 -16.85 -0.08 10.26
CA PHE B 156 -17.62 -1.30 10.44
C PHE B 156 -16.68 -2.49 10.29
N ALA B 157 -17.09 -3.65 10.82
CA ALA B 157 -16.33 -4.87 10.69
C ALA B 157 -17.24 -6.01 10.24
N ASP B 158 -16.62 -7.05 9.67
CA ASP B 158 -17.32 -8.28 9.33
C ASP B 158 -17.09 -9.31 10.43
N MET B 159 -16.20 -8.98 11.38
CA MET B 159 -16.02 -9.77 12.59
C MET B 159 -16.76 -9.09 13.73
N VAL B 160 -17.57 -9.87 14.46
CA VAL B 160 -18.31 -9.35 15.59
C VAL B 160 -17.33 -8.97 16.71
N SER B 161 -16.27 -9.80 16.88
CA SER B 161 -15.38 -9.67 18.01
C SER B 161 -14.52 -8.40 17.91
N LYS B 162 -14.29 -7.91 16.69
CA LYS B 162 -13.52 -6.69 16.50
C LYS B 162 -14.34 -5.48 16.92
N SER B 163 -15.59 -5.41 16.44
CA SER B 163 -16.47 -4.29 16.72
C SER B 163 -16.89 -4.28 18.19
N ALA B 164 -17.11 -5.48 18.75
CA ALA B 164 -17.56 -5.62 20.13
C ALA B 164 -16.60 -4.93 21.09
N ASN B 165 -15.30 -4.93 20.75
CA ASN B 165 -14.27 -4.31 21.57
C ASN B 165 -14.61 -2.85 21.86
N TYR B 166 -15.37 -2.20 20.97
CA TYR B 166 -15.65 -0.79 21.09
C TYR B 166 -16.93 -0.54 21.89
N CYS B 167 -17.49 -1.61 22.49
CA CYS B 167 -18.56 -1.46 23.46
C CYS B 167 -17.99 -1.06 24.82
N HIS B 168 -16.74 -1.46 25.09
CA HIS B 168 -16.03 -1.10 26.31
C HIS B 168 -16.75 -1.67 27.52
N THR B 169 -17.06 -2.98 27.47
CA THR B 169 -17.70 -3.66 28.58
C THR B 169 -16.64 -4.14 29.55
N SER B 170 -16.88 -3.94 30.85
CA SER B 170 -15.98 -4.37 31.90
C SER B 170 -16.59 -5.54 32.66
N GLN B 171 -15.83 -6.11 33.61
CA GLN B 171 -16.28 -7.25 34.39
C GLN B 171 -17.56 -6.90 35.13
N GLY B 172 -17.58 -5.72 35.75
CA GLY B 172 -18.74 -5.25 36.50
C GLY B 172 -19.69 -4.40 35.66
N ASP B 173 -19.71 -4.64 34.35
CA ASP B 173 -20.61 -3.95 33.43
C ASP B 173 -20.63 -4.70 32.11
N PRO B 174 -20.95 -6.02 32.12
CA PRO B 174 -20.68 -6.89 30.97
C PRO B 174 -21.74 -6.97 29.87
N ILE B 175 -22.68 -6.03 29.85
CA ILE B 175 -23.73 -5.98 28.86
C ILE B 175 -23.45 -4.83 27.89
N GLY B 176 -23.40 -5.16 26.59
CA GLY B 176 -23.00 -4.20 25.57
C GLY B 176 -23.98 -4.20 24.39
N LEU B 177 -24.11 -3.03 23.74
CA LEU B 177 -24.96 -2.86 22.58
C LEU B 177 -24.09 -2.76 21.33
N ILE B 178 -24.52 -3.40 20.24
CA ILE B 178 -23.77 -3.44 19.00
C ILE B 178 -24.73 -3.31 17.83
N LEU B 179 -24.33 -2.54 16.80
CA LEU B 179 -25.19 -2.28 15.66
C LEU B 179 -24.89 -3.27 14.55
N LEU B 180 -25.94 -3.71 13.87
CA LEU B 180 -25.84 -4.24 12.51
C LEU B 180 -26.45 -3.18 11.59
N GLY B 181 -25.70 -2.82 10.55
CA GLY B 181 -26.12 -1.80 9.60
C GLY B 181 -25.97 -2.29 8.16
N GLU B 182 -26.95 -1.93 7.32
CA GLU B 182 -26.83 -2.09 5.88
C GLU B 182 -25.96 -0.95 5.36
N VAL B 183 -24.80 -1.30 4.81
CA VAL B 183 -23.81 -0.31 4.41
C VAL B 183 -23.59 -0.43 2.91
N ALA B 184 -23.94 0.64 2.18
CA ALA B 184 -23.70 0.69 0.73
C ALA B 184 -22.22 0.92 0.46
N LEU B 185 -21.47 -0.19 0.35
CA LEU B 185 -20.04 -0.14 0.15
C LEU B 185 -19.74 0.35 -1.26
N GLY B 186 -20.34 -0.30 -2.26
CA GLY B 186 -20.12 0.05 -3.65
C GLY B 186 -18.82 -0.54 -4.18
N ASN B 187 -18.04 0.29 -4.88
CA ASN B 187 -16.71 -0.09 -5.33
C ASN B 187 -15.72 0.18 -4.20
N MET B 188 -15.25 -0.89 -3.57
CA MET B 188 -14.38 -0.76 -2.42
C MET B 188 -12.96 -0.43 -2.88
N TYR B 189 -12.37 0.62 -2.29
CA TYR B 189 -10.95 0.90 -2.45
C TYR B 189 -10.18 0.09 -1.42
N GLU B 190 -9.61 -1.04 -1.86
CA GLU B 190 -9.12 -2.07 -0.96
C GLU B 190 -7.64 -1.85 -0.65
N LEU B 191 -7.36 -1.40 0.58
CA LEU B 191 -6.03 -1.03 1.02
C LEU B 191 -5.49 -2.07 2.00
N LYS B 192 -4.16 -2.14 2.11
CA LYS B 192 -3.48 -3.14 2.94
C LYS B 192 -2.88 -2.49 4.18
N HIS B 193 -2.78 -1.16 4.19
CA HIS B 193 -2.19 -0.47 5.33
C HIS B 193 -2.80 0.92 5.46
N ALA B 194 -2.99 1.36 6.72
CA ALA B 194 -3.62 2.62 7.03
C ALA B 194 -3.07 3.74 6.16
N SER B 195 -3.96 4.64 5.73
CA SER B 195 -3.60 5.79 4.92
C SER B 195 -4.52 6.94 5.27
N HIS B 196 -3.97 8.11 5.59
CA HIS B 196 -4.77 9.26 6.00
C HIS B 196 -5.51 9.81 4.78
N ILE B 197 -6.67 9.21 4.50
CA ILE B 197 -7.45 9.54 3.31
C ILE B 197 -8.35 10.74 3.64
N SER B 198 -8.60 11.56 2.60
CA SER B 198 -9.59 12.61 2.66
C SER B 198 -10.64 12.37 1.57
N LYS B 199 -10.18 12.39 0.31
CA LYS B 199 -11.04 12.15 -0.84
C LYS B 199 -10.76 10.76 -1.39
N LEU B 200 -11.80 10.13 -1.96
CA LEU B 200 -11.71 8.81 -2.54
C LEU B 200 -11.19 8.92 -3.98
N PRO B 201 -10.70 7.81 -4.57
CA PRO B 201 -10.52 7.73 -6.02
C PRO B 201 -11.88 7.81 -6.71
N LYS B 202 -11.90 8.25 -7.97
CA LYS B 202 -13.14 8.35 -8.73
C LYS B 202 -13.68 6.94 -8.97
N GLY B 203 -14.99 6.77 -8.74
CA GLY B 203 -15.64 5.47 -8.89
C GLY B 203 -15.77 4.73 -7.57
N LYS B 204 -14.82 4.97 -6.65
CA LYS B 204 -14.84 4.35 -5.34
C LYS B 204 -15.87 5.05 -4.45
N HIS B 205 -16.47 4.27 -3.55
CA HIS B 205 -17.49 4.77 -2.64
C HIS B 205 -17.12 4.40 -1.19
N SER B 206 -16.57 3.20 -1.00
CA SER B 206 -16.08 2.78 0.30
C SER B 206 -14.57 2.58 0.26
N VAL B 207 -13.97 2.49 1.45
CA VAL B 207 -12.62 1.98 1.63
C VAL B 207 -12.74 0.70 2.44
N LYS B 208 -12.03 -0.35 2.01
CA LYS B 208 -11.95 -1.59 2.77
C LYS B 208 -10.50 -1.85 3.16
N GLY B 209 -10.25 -1.90 4.47
CA GLY B 209 -8.98 -2.36 5.01
C GLY B 209 -8.90 -3.89 4.91
N LEU B 210 -7.96 -4.39 4.11
CA LEU B 210 -7.79 -5.82 3.90
C LEU B 210 -7.10 -6.42 5.12
N GLY B 211 -7.77 -7.39 5.76
CA GLY B 211 -7.24 -8.07 6.94
C GLY B 211 -6.70 -9.45 6.59
N LYS B 212 -5.93 -10.03 7.51
CA LYS B 212 -5.32 -11.34 7.32
C LYS B 212 -6.40 -12.41 7.38
N THR B 213 -7.13 -12.44 8.50
CA THR B 213 -8.20 -13.42 8.70
C THR B 213 -9.53 -12.79 8.33
N THR B 214 -10.34 -13.54 7.58
CA THR B 214 -11.56 -13.02 6.98
C THR B 214 -12.69 -14.05 7.16
N PRO B 215 -13.96 -13.61 7.24
CA PRO B 215 -15.09 -14.54 7.11
C PRO B 215 -15.05 -15.20 5.73
N ASP B 216 -15.08 -16.54 5.73
CA ASP B 216 -15.00 -17.31 4.51
C ASP B 216 -15.97 -16.72 3.48
N PRO B 217 -15.50 -16.30 2.29
CA PRO B 217 -16.36 -15.63 1.32
C PRO B 217 -17.40 -16.54 0.68
N SER B 218 -17.07 -17.83 0.56
CA SER B 218 -17.94 -18.79 -0.11
C SER B 218 -18.94 -19.41 0.86
N ALA B 219 -19.01 -18.88 2.09
CA ALA B 219 -19.98 -19.33 3.07
C ALA B 219 -20.88 -18.17 3.49
N ASN B 220 -21.00 -17.16 2.62
CA ASN B 220 -21.86 -16.01 2.87
C ASN B 220 -23.29 -16.36 2.48
N ILE B 221 -24.25 -15.55 2.95
CA ILE B 221 -25.65 -15.69 2.58
C ILE B 221 -26.23 -14.30 2.35
N SER B 222 -27.47 -14.25 1.84
CA SER B 222 -28.15 -13.00 1.55
C SER B 222 -29.44 -12.88 2.36
N LEU B 223 -29.45 -11.93 3.30
CA LEU B 223 -30.64 -11.56 4.07
C LEU B 223 -31.19 -10.26 3.51
N ASP B 224 -32.43 -10.32 3.02
CA ASP B 224 -33.05 -9.23 2.25
C ASP B 224 -32.15 -8.94 1.05
N GLY B 225 -31.97 -7.66 0.69
CA GLY B 225 -31.14 -7.27 -0.43
C GLY B 225 -29.72 -6.94 0.02
N VAL B 226 -29.11 -7.83 0.83
CA VAL B 226 -27.86 -7.54 1.50
C VAL B 226 -27.03 -8.82 1.56
N ASP B 227 -25.71 -8.68 1.34
CA ASP B 227 -24.75 -9.73 1.65
C ASP B 227 -24.50 -9.74 3.14
N VAL B 228 -24.48 -10.94 3.74
CA VAL B 228 -24.10 -11.10 5.13
C VAL B 228 -22.89 -12.03 5.18
N PRO B 229 -21.70 -11.52 5.59
CA PRO B 229 -20.47 -12.32 5.59
C PRO B 229 -20.29 -13.14 6.86
N LEU B 230 -21.16 -14.13 7.05
CA LEU B 230 -21.25 -14.85 8.31
C LEU B 230 -20.40 -16.13 8.26
N GLY B 231 -19.44 -16.18 7.33
CA GLY B 231 -18.52 -17.31 7.28
C GLY B 231 -17.65 -17.38 8.54
N THR B 232 -17.07 -18.56 8.78
CA THR B 232 -16.09 -18.74 9.84
C THR B 232 -14.80 -18.03 9.44
N GLY B 233 -13.98 -17.67 10.44
CA GLY B 233 -12.72 -16.99 10.19
C GLY B 233 -11.72 -17.91 9.50
N ILE B 234 -11.24 -17.49 8.33
CA ILE B 234 -10.18 -18.18 7.60
C ILE B 234 -9.15 -17.15 7.13
N SER B 235 -8.02 -17.64 6.61
CA SER B 235 -7.02 -16.77 6.03
C SER B 235 -7.53 -16.23 4.69
N SER B 236 -7.27 -14.94 4.44
CA SER B 236 -7.82 -14.24 3.28
C SER B 236 -6.92 -14.46 2.06
N GLY B 237 -5.68 -14.89 2.29
CA GLY B 237 -4.71 -15.07 1.22
C GLY B 237 -4.03 -13.75 0.85
N VAL B 238 -4.20 -12.73 1.70
CA VAL B 238 -3.68 -11.41 1.46
C VAL B 238 -2.31 -11.28 2.11
N ASN B 239 -1.28 -11.15 1.26
CA ASN B 239 0.08 -10.92 1.73
C ASN B 239 0.23 -9.46 2.13
N ASP B 240 1.21 -9.19 2.99
CA ASP B 240 1.68 -7.83 3.24
C ASP B 240 0.49 -6.92 3.56
N THR B 241 -0.18 -7.20 4.68
CA THR B 241 -1.10 -6.25 5.29
C THR B 241 -0.92 -6.28 6.81
N SER B 242 -1.24 -5.16 7.46
CA SER B 242 -1.01 -4.98 8.88
C SER B 242 -2.24 -5.34 9.71
N LEU B 243 -3.42 -5.32 9.08
CA LEU B 243 -4.69 -5.50 9.78
C LEU B 243 -4.88 -6.98 10.08
N LEU B 244 -5.42 -7.28 11.27
CA LEU B 244 -5.78 -8.64 11.66
C LEU B 244 -7.08 -9.02 10.96
N TYR B 245 -8.06 -8.12 11.06
CA TYR B 245 -9.40 -8.35 10.55
C TYR B 245 -9.75 -7.24 9.56
N ASN B 246 -10.71 -7.54 8.66
CA ASN B 246 -11.18 -6.57 7.70
C ASN B 246 -11.90 -5.46 8.43
N GLU B 247 -11.89 -4.25 7.84
CA GLU B 247 -12.70 -3.15 8.32
C GLU B 247 -13.24 -2.38 7.12
N TYR B 248 -14.36 -1.70 7.33
CA TYR B 248 -15.09 -1.03 6.27
C TYR B 248 -15.34 0.42 6.69
N ILE B 249 -15.08 1.35 5.76
CA ILE B 249 -15.21 2.78 6.03
C ILE B 249 -16.04 3.42 4.93
N VAL B 250 -16.94 4.31 5.32
CA VAL B 250 -17.72 5.11 4.39
C VAL B 250 -17.70 6.57 4.89
N TYR B 251 -17.61 7.51 3.94
CA TYR B 251 -17.31 8.89 4.24
C TYR B 251 -18.54 9.78 4.05
N ASP B 252 -19.63 9.19 3.53
CA ASP B 252 -20.92 9.86 3.43
C ASP B 252 -21.91 9.15 4.37
N ILE B 253 -22.55 9.93 5.24
CA ILE B 253 -23.36 9.38 6.33
C ILE B 253 -24.67 8.80 5.79
N ALA B 254 -24.95 9.03 4.50
CA ALA B 254 -26.17 8.53 3.87
C ALA B 254 -25.97 7.12 3.31
N GLN B 255 -24.76 6.58 3.46
CA GLN B 255 -24.47 5.23 2.97
C GLN B 255 -24.73 4.20 4.06
N VAL B 256 -25.15 4.65 5.26
CA VAL B 256 -25.43 3.78 6.38
C VAL B 256 -26.94 3.69 6.60
N ASN B 257 -27.45 2.46 6.63
CA ASN B 257 -28.83 2.20 7.03
C ASN B 257 -28.79 1.18 8.15
N LEU B 258 -29.18 1.62 9.36
CA LEU B 258 -29.14 0.77 10.54
C LEU B 258 -30.32 -0.19 10.50
N LYS B 259 -30.05 -1.47 10.82
CA LYS B 259 -31.03 -2.54 10.66
C LYS B 259 -31.37 -3.16 12.02
N TYR B 260 -30.35 -3.59 12.76
CA TYR B 260 -30.54 -4.23 14.05
C TYR B 260 -29.64 -3.59 15.10
N LEU B 261 -30.02 -3.77 16.37
CA LEU B 261 -29.29 -3.25 17.51
C LEU B 261 -29.29 -4.31 18.61
N LEU B 262 -28.31 -5.22 18.56
CA LEU B 262 -28.29 -6.35 19.46
C LEU B 262 -27.98 -5.89 20.88
N LYS B 263 -28.16 -6.81 21.83
CA LYS B 263 -27.77 -6.61 23.22
C LYS B 263 -26.93 -7.83 23.64
N LEU B 264 -25.63 -7.60 23.85
CA LEU B 264 -24.66 -8.67 24.02
C LEU B 264 -24.33 -8.84 25.50
N LYS B 265 -23.89 -10.05 25.85
CA LYS B 265 -23.41 -10.38 27.18
C LYS B 265 -21.99 -10.91 27.07
N PHE B 266 -21.04 -10.15 27.62
CA PHE B 266 -19.63 -10.52 27.61
C PHE B 266 -19.36 -11.45 28.78
N ASN B 267 -19.05 -12.71 28.49
CA ASN B 267 -18.77 -13.72 29.51
C ASN B 267 -17.26 -13.92 29.59
N PHE B 268 -16.60 -13.09 30.40
CA PHE B 268 -15.15 -13.10 30.49
C PHE B 268 -14.69 -14.41 31.13
N LYS B 269 -13.40 -14.72 30.98
CA LYS B 269 -12.81 -15.93 31.55
C LYS B 269 -11.85 -15.51 32.68
N LEU C 26 -13.50 -15.03 -49.53
CA LEU C 26 -13.28 -14.15 -48.35
C LEU C 26 -13.24 -12.70 -48.82
N PRO C 27 -13.62 -11.72 -47.96
CA PRO C 27 -13.46 -10.30 -48.29
C PRO C 27 -12.00 -9.95 -48.57
N LYS C 28 -11.77 -8.85 -49.29
CA LYS C 28 -10.42 -8.39 -49.60
C LYS C 28 -9.69 -8.02 -48.31
N PRO C 29 -10.32 -7.28 -47.36
CA PRO C 29 -9.66 -6.94 -46.10
C PRO C 29 -9.11 -8.14 -45.32
N VAL C 30 -9.84 -9.26 -45.37
CA VAL C 30 -9.44 -10.47 -44.66
C VAL C 30 -8.18 -11.06 -45.29
N GLN C 31 -8.16 -11.14 -46.63
CA GLN C 31 -7.07 -11.78 -47.35
C GLN C 31 -5.76 -11.04 -47.12
N ASP C 32 -5.85 -9.71 -46.98
CA ASP C 32 -4.71 -8.91 -46.57
C ASP C 32 -4.22 -9.41 -45.22
N LEU C 33 -5.15 -9.49 -44.25
CA LEU C 33 -4.86 -9.93 -42.90
C LEU C 33 -4.18 -11.30 -42.90
N ILE C 34 -4.61 -12.19 -43.79
CA ILE C 34 -4.03 -13.53 -43.88
C ILE C 34 -2.56 -13.40 -44.23
N LYS C 35 -2.28 -12.72 -45.36
CA LYS C 35 -0.91 -12.55 -45.84
C LYS C 35 -0.08 -11.79 -44.80
N MET C 36 -0.70 -10.81 -44.13
CA MET C 36 -0.03 -9.99 -43.15
C MET C 36 0.59 -10.86 -42.05
N ILE C 37 -0.20 -11.79 -41.51
CA ILE C 37 0.24 -12.64 -40.42
C ILE C 37 1.28 -13.63 -40.95
N PHE C 38 0.89 -14.43 -41.94
CA PHE C 38 1.78 -15.42 -42.52
C PHE C 38 2.77 -14.71 -43.46
N PRO C 48 -0.51 -20.01 -50.38
CA PRO C 48 -1.90 -20.42 -50.26
C PRO C 48 -2.59 -19.73 -49.09
N ILE C 49 -3.81 -19.21 -49.34
CA ILE C 49 -4.51 -18.34 -48.41
C ILE C 49 -5.50 -19.13 -47.58
N ASP C 50 -6.38 -19.89 -48.26
CA ASP C 50 -7.52 -20.53 -47.62
C ASP C 50 -7.03 -21.68 -46.72
N VAL C 51 -5.89 -22.28 -47.06
CA VAL C 51 -5.29 -23.32 -46.22
C VAL C 51 -4.79 -22.68 -44.93
N ASN C 52 -4.23 -21.46 -45.06
CA ASN C 52 -3.67 -20.74 -43.92
C ASN C 52 -4.79 -20.21 -43.01
N TYR C 53 -5.97 -19.95 -43.60
CA TYR C 53 -7.12 -19.43 -42.85
C TYR C 53 -7.64 -20.49 -41.90
N GLU C 54 -7.64 -21.75 -42.34
CA GLU C 54 -8.10 -22.87 -41.51
C GLU C 54 -7.13 -23.08 -40.35
N LYS C 55 -5.82 -22.87 -40.60
CA LYS C 55 -4.79 -23.10 -39.61
C LYS C 55 -4.93 -22.15 -38.42
N LEU C 56 -5.57 -20.98 -38.64
CA LEU C 56 -5.88 -20.06 -37.56
C LEU C 56 -7.01 -20.64 -36.69
N LYS C 57 -7.87 -21.48 -37.29
CA LYS C 57 -8.96 -22.10 -36.57
C LYS C 57 -9.79 -21.01 -35.90
N THR C 58 -10.20 -20.03 -36.71
CA THR C 58 -10.84 -18.82 -36.23
C THR C 58 -11.75 -18.29 -37.34
N ASP C 59 -13.00 -17.99 -36.99
CA ASP C 59 -13.92 -17.37 -37.94
C ASP C 59 -13.70 -15.85 -37.90
N ILE C 60 -13.11 -15.32 -38.99
CA ILE C 60 -12.76 -13.92 -39.08
C ILE C 60 -13.75 -13.23 -40.02
N LYS C 61 -14.75 -12.54 -39.43
CA LYS C 61 -15.67 -11.71 -40.17
C LYS C 61 -15.23 -10.25 -40.05
N VAL C 62 -15.38 -9.49 -41.13
CA VAL C 62 -15.13 -8.06 -41.12
C VAL C 62 -16.38 -7.36 -40.58
N VAL C 63 -16.20 -6.48 -39.59
CA VAL C 63 -17.29 -5.70 -39.04
C VAL C 63 -17.55 -4.55 -40.01
N ASP C 64 -18.82 -4.16 -40.14
CA ASP C 64 -19.22 -3.11 -41.05
C ASP C 64 -18.88 -1.76 -40.43
N ARG C 65 -18.42 -0.83 -41.26
CA ARG C 65 -17.94 0.46 -40.80
C ARG C 65 -19.11 1.29 -40.27
N ASP C 66 -20.28 1.14 -40.92
CA ASP C 66 -21.51 1.76 -40.44
C ASP C 66 -22.31 0.72 -39.66
N SER C 67 -21.86 0.42 -38.43
CA SER C 67 -22.57 -0.46 -37.52
C SER C 67 -22.49 0.09 -36.11
N GLU C 68 -23.14 -0.60 -35.16
CA GLU C 68 -23.11 -0.21 -33.76
C GLU C 68 -21.75 -0.55 -33.16
N GLU C 69 -21.22 -1.72 -33.49
CA GLU C 69 -19.96 -2.19 -32.95
C GLU C 69 -18.83 -1.24 -33.33
N ALA C 70 -18.72 -0.96 -34.64
CA ALA C 70 -17.65 -0.15 -35.19
C ALA C 70 -17.64 1.25 -34.56
N GLU C 71 -18.82 1.83 -34.38
CA GLU C 71 -18.96 3.18 -33.86
C GLU C 71 -18.51 3.23 -32.40
N ILE C 72 -18.64 2.09 -31.69
CA ILE C 72 -18.14 1.97 -30.32
C ILE C 72 -16.63 1.71 -30.36
N ILE C 73 -16.23 0.72 -31.16
CA ILE C 73 -14.85 0.26 -31.19
C ILE C 73 -13.92 1.40 -31.60
N ARG C 74 -14.31 2.19 -32.62
CA ARG C 74 -13.46 3.27 -33.09
C ARG C 74 -13.51 4.46 -32.13
N LYS C 75 -14.56 4.53 -31.30
CA LYS C 75 -14.67 5.56 -30.27
C LYS C 75 -13.77 5.18 -29.09
N TYR C 76 -13.65 3.87 -28.83
CA TYR C 76 -12.78 3.35 -27.79
C TYR C 76 -11.33 3.77 -28.09
N VAL C 77 -10.96 3.64 -29.37
CA VAL C 77 -9.62 3.94 -29.84
C VAL C 77 -9.34 5.44 -29.82
N LYS C 78 -10.39 6.26 -30.02
CA LYS C 78 -10.21 7.70 -30.08
C LYS C 78 -10.00 8.25 -28.67
N ASN C 79 -10.84 7.79 -27.73
CA ASN C 79 -10.89 8.39 -26.39
C ASN C 79 -9.66 8.00 -25.57
N THR C 80 -9.20 6.76 -25.72
CA THR C 80 -8.20 6.20 -24.82
C THR C 80 -6.78 6.37 -25.40
N HIS C 81 -6.64 7.22 -26.43
CA HIS C 81 -5.34 7.63 -26.92
C HIS C 81 -4.76 8.65 -25.94
N ALA C 82 -3.69 8.25 -25.22
CA ALA C 82 -3.30 8.91 -23.98
C ALA C 82 -2.28 10.02 -24.24
N THR C 83 -2.07 10.85 -23.20
CA THR C 83 -1.29 12.07 -23.28
C THR C 83 0.20 11.76 -23.38
N THR C 84 0.65 10.69 -22.73
CA THR C 84 2.03 10.25 -22.82
C THR C 84 2.34 9.86 -24.28
N HIS C 85 1.44 9.07 -24.86
CA HIS C 85 1.64 8.42 -26.15
C HIS C 85 1.12 9.33 -27.26
N ASN C 86 1.81 10.46 -27.46
CA ASN C 86 1.40 11.46 -28.44
C ASN C 86 2.39 11.46 -29.61
N ALA C 87 3.35 10.54 -29.58
CA ALA C 87 4.32 10.38 -30.65
C ALA C 87 3.66 9.94 -31.96
N TYR C 88 2.35 9.62 -31.90
CA TYR C 88 1.61 9.22 -33.07
C TYR C 88 0.12 9.37 -32.81
N ASP C 89 -0.67 9.39 -33.90
CA ASP C 89 -2.11 9.30 -33.83
C ASP C 89 -2.53 8.01 -34.53
N LEU C 90 -3.63 7.41 -34.04
CA LEU C 90 -4.10 6.14 -34.57
C LEU C 90 -5.20 6.36 -35.58
N GLU C 91 -5.35 5.37 -36.47
CA GLU C 91 -6.41 5.34 -37.47
C GLU C 91 -6.80 3.89 -37.69
N VAL C 92 -8.09 3.59 -37.53
CA VAL C 92 -8.58 2.24 -37.59
C VAL C 92 -8.87 1.89 -39.05
N ILE C 93 -8.09 0.96 -39.60
CA ILE C 93 -8.21 0.59 -41.01
C ILE C 93 -9.34 -0.42 -41.17
N ASP C 94 -9.16 -1.59 -40.56
CA ASP C 94 -10.12 -2.68 -40.67
C ASP C 94 -10.36 -3.29 -39.29
N ILE C 95 -11.64 -3.44 -38.92
CA ILE C 95 -12.03 -4.17 -37.72
C ILE C 95 -12.34 -5.60 -38.16
N PHE C 96 -12.19 -6.55 -37.23
CA PHE C 96 -12.46 -7.95 -37.51
C PHE C 96 -13.10 -8.59 -36.28
N LYS C 97 -14.33 -9.11 -36.45
CA LYS C 97 -14.98 -9.91 -35.43
C LYS C 97 -14.42 -11.33 -35.51
N ILE C 98 -13.84 -11.79 -34.39
CA ILE C 98 -13.14 -13.06 -34.36
C ILE C 98 -13.83 -13.99 -33.37
N GLU C 99 -13.67 -15.29 -33.60
CA GLU C 99 -14.42 -16.33 -32.89
C GLU C 99 -13.60 -17.61 -32.93
N ARG C 100 -12.59 -17.69 -32.07
CA ARG C 100 -11.71 -18.85 -32.02
C ARG C 100 -12.55 -20.10 -31.76
N GLU C 101 -12.11 -21.22 -32.33
CA GLU C 101 -12.87 -22.47 -32.29
C GLU C 101 -12.73 -23.09 -30.90
N GLY C 102 -13.87 -23.35 -30.26
CA GLY C 102 -13.92 -24.02 -28.96
C GLY C 102 -13.74 -23.04 -27.80
N GLU C 103 -13.52 -21.76 -28.09
CA GLU C 103 -13.21 -20.78 -27.07
C GLU C 103 -14.49 -20.35 -26.34
N CYS C 104 -15.64 -20.45 -27.04
CA CYS C 104 -16.93 -20.14 -26.44
C CYS C 104 -17.27 -21.16 -25.35
N GLN C 105 -16.90 -22.43 -25.60
CA GLN C 105 -17.25 -23.51 -24.70
C GLN C 105 -16.29 -23.55 -23.52
N ARG C 106 -15.03 -23.17 -23.75
CA ARG C 106 -14.01 -23.16 -22.71
C ARG C 106 -14.26 -22.00 -21.74
N TYR C 107 -14.87 -20.91 -22.24
CA TYR C 107 -15.10 -19.70 -21.47
C TYR C 107 -16.45 -19.76 -20.74
N LYS C 108 -17.18 -20.88 -20.90
CA LYS C 108 -18.55 -20.98 -20.43
C LYS C 108 -18.62 -20.80 -18.92
N PRO C 109 -17.70 -21.40 -18.12
CA PRO C 109 -17.73 -21.21 -16.65
C PRO C 109 -17.61 -19.75 -16.24
N PHE C 110 -16.70 -19.03 -16.90
CA PHE C 110 -16.34 -17.68 -16.52
C PHE C 110 -17.33 -16.67 -17.12
N LYS C 111 -18.16 -17.12 -18.07
CA LYS C 111 -19.20 -16.29 -18.65
C LYS C 111 -20.10 -15.72 -17.56
N GLN C 112 -20.37 -16.54 -16.52
CA GLN C 112 -21.29 -16.17 -15.46
C GLN C 112 -20.64 -15.16 -14.51
N LEU C 113 -19.33 -15.31 -14.28
CA LEU C 113 -18.60 -14.47 -13.34
C LEU C 113 -18.82 -12.99 -13.67
N HIS C 114 -19.01 -12.17 -12.64
CA HIS C 114 -19.31 -10.76 -12.79
C HIS C 114 -18.04 -9.99 -13.13
N ASN C 115 -18.22 -8.73 -13.53
CA ASN C 115 -17.11 -7.84 -13.82
C ASN C 115 -16.29 -8.41 -14.98
N ARG C 116 -16.79 -8.18 -16.21
CA ARG C 116 -16.10 -8.59 -17.42
C ARG C 116 -15.92 -7.36 -18.31
N ARG C 117 -14.68 -7.10 -18.73
CA ARG C 117 -14.38 -5.91 -19.53
C ARG C 117 -13.83 -6.31 -20.90
N LEU C 118 -14.00 -5.40 -21.85
CA LEU C 118 -13.42 -5.51 -23.18
C LEU C 118 -12.12 -4.70 -23.18
N LEU C 119 -10.97 -5.40 -23.21
CA LEU C 119 -9.69 -4.79 -22.92
C LEU C 119 -8.70 -5.05 -24.05
N TRP C 120 -7.74 -4.13 -24.20
CA TRP C 120 -6.78 -4.15 -25.30
C TRP C 120 -5.66 -5.14 -25.00
N HIS C 121 -5.10 -5.72 -26.07
CA HIS C 121 -3.90 -6.53 -25.97
C HIS C 121 -3.12 -6.45 -27.29
N GLY C 122 -2.12 -5.56 -27.32
CA GLY C 122 -1.26 -5.42 -28.47
C GLY C 122 -0.17 -6.50 -28.44
N SER C 123 0.28 -6.89 -29.64
CA SER C 123 1.35 -7.87 -29.79
C SER C 123 2.01 -7.69 -31.15
N ARG C 124 3.15 -8.36 -31.34
CA ARG C 124 3.85 -8.33 -32.62
C ARG C 124 3.03 -9.10 -33.64
N THR C 125 3.08 -8.63 -34.89
CA THR C 125 2.28 -9.17 -35.98
C THR C 125 2.67 -10.63 -36.25
N THR C 126 3.94 -10.96 -35.97
CA THR C 126 4.47 -12.30 -36.17
C THR C 126 3.71 -13.32 -35.31
N ASN C 127 3.30 -12.89 -34.11
CA ASN C 127 2.79 -13.79 -33.08
C ASN C 127 1.33 -14.17 -33.31
N PHE C 128 0.60 -13.38 -34.12
CA PHE C 128 -0.84 -13.54 -34.24
C PHE C 128 -1.22 -14.87 -34.88
N ALA C 129 -0.30 -15.48 -35.62
CA ALA C 129 -0.50 -16.83 -36.13
C ALA C 129 -0.75 -17.81 -34.97
N GLY C 130 0.13 -17.75 -33.96
CA GLY C 130 0.04 -18.62 -32.79
C GLY C 130 -1.13 -18.25 -31.88
N ILE C 131 -1.40 -16.94 -31.78
CA ILE C 131 -2.43 -16.44 -30.87
C ILE C 131 -3.81 -16.90 -31.34
N LEU C 132 -4.13 -16.69 -32.62
CA LEU C 132 -5.44 -17.03 -33.14
C LEU C 132 -5.63 -18.55 -33.10
N SER C 133 -4.55 -19.30 -33.36
CA SER C 133 -4.62 -20.75 -33.40
C SER C 133 -4.72 -21.32 -31.98
N GLN C 134 -3.88 -20.83 -31.06
CA GLN C 134 -3.75 -21.44 -29.74
C GLN C 134 -4.33 -20.55 -28.64
N GLY C 135 -4.89 -19.38 -29.01
CA GLY C 135 -5.38 -18.42 -28.04
C GLY C 135 -4.22 -17.66 -27.39
N LEU C 136 -4.55 -16.73 -26.50
CA LEU C 136 -3.54 -16.07 -25.68
C LEU C 136 -3.13 -17.05 -24.57
N ARG C 137 -1.84 -17.35 -24.50
CA ARG C 137 -1.31 -18.33 -23.55
C ARG C 137 -0.34 -17.63 -22.61
N ILE C 138 -0.02 -18.30 -21.50
CA ILE C 138 0.96 -17.80 -20.54
C ILE C 138 2.35 -18.07 -21.12
N TYR C 148 8.48 -9.23 -15.28
CA TYR C 148 7.01 -8.99 -15.32
C TYR C 148 6.61 -8.18 -14.10
N MET C 149 5.56 -7.35 -14.27
CA MET C 149 5.06 -6.50 -13.20
C MET C 149 4.31 -7.35 -12.18
N PHE C 150 3.29 -8.07 -12.64
CA PHE C 150 2.43 -8.85 -11.76
C PHE C 150 2.53 -10.33 -12.14
N GLY C 151 3.75 -10.85 -12.16
CA GLY C 151 4.01 -12.26 -12.42
C GLY C 151 3.65 -12.64 -13.86
N LYS C 152 3.74 -13.94 -14.16
CA LYS C 152 3.38 -14.47 -15.46
C LYS C 152 1.86 -14.59 -15.56
N GLY C 153 1.29 -13.88 -16.54
CA GLY C 153 -0.14 -13.89 -16.76
C GLY C 153 -0.49 -13.48 -18.18
N ILE C 154 -1.66 -12.86 -18.34
CA ILE C 154 -2.10 -12.30 -19.62
C ILE C 154 -2.50 -10.84 -19.36
N TYR C 155 -1.80 -9.92 -20.01
CA TYR C 155 -1.91 -8.51 -19.70
C TYR C 155 -2.90 -7.86 -20.65
N PHE C 156 -3.66 -6.89 -20.12
CA PHE C 156 -4.60 -6.11 -20.91
C PHE C 156 -4.60 -4.69 -20.38
N ALA C 157 -5.06 -3.74 -21.20
CA ALA C 157 -5.19 -2.36 -20.77
C ALA C 157 -6.56 -1.82 -21.17
N ASP C 158 -6.97 -0.75 -20.48
CA ASP C 158 -8.17 -0.01 -20.82
C ASP C 158 -7.79 1.21 -21.65
N MET C 159 -6.49 1.47 -21.79
CA MET C 159 -5.98 2.46 -22.71
C MET C 159 -5.47 1.75 -23.97
N VAL C 160 -5.91 2.23 -25.14
CA VAL C 160 -5.48 1.67 -26.40
C VAL C 160 -3.99 1.96 -26.60
N SER C 161 -3.56 3.16 -26.20
CA SER C 161 -2.22 3.64 -26.51
C SER C 161 -1.15 2.87 -25.74
N LYS C 162 -1.52 2.30 -24.58
CA LYS C 162 -0.58 1.53 -23.78
C LYS C 162 -0.33 0.17 -24.44
N SER C 163 -1.42 -0.51 -24.84
CA SER C 163 -1.34 -1.82 -25.45
C SER C 163 -0.71 -1.73 -26.84
N ALA C 164 -1.06 -0.67 -27.57
CA ALA C 164 -0.59 -0.46 -28.94
C ALA C 164 0.94 -0.47 -28.99
N ASN C 165 1.59 0.01 -27.92
CA ASN C 165 3.04 0.05 -27.84
C ASN C 165 3.64 -1.33 -28.08
N TYR C 166 2.88 -2.39 -27.78
CA TYR C 166 3.41 -3.74 -27.86
C TYR C 166 3.16 -4.34 -29.24
N CYS C 167 2.68 -3.52 -30.18
CA CYS C 167 2.63 -3.93 -31.59
C CYS C 167 4.01 -3.78 -32.23
N HIS C 168 4.81 -2.85 -31.70
CA HIS C 168 6.18 -2.62 -32.15
C HIS C 168 6.18 -2.18 -33.61
N THR C 169 5.35 -1.19 -33.92
CA THR C 169 5.29 -0.61 -35.26
C THR C 169 6.36 0.46 -35.37
N SER C 170 7.09 0.45 -36.49
CA SER C 170 8.13 1.43 -36.77
C SER C 170 7.66 2.36 -37.88
N GLN C 171 8.48 3.38 -38.18
CA GLN C 171 8.16 4.37 -39.21
C GLN C 171 7.94 3.67 -40.55
N GLY C 172 8.84 2.73 -40.89
CA GLY C 172 8.77 1.99 -42.14
C GLY C 172 8.03 0.66 -41.99
N ASP C 173 7.10 0.59 -41.04
CA ASP C 173 6.27 -0.58 -40.83
C ASP C 173 5.10 -0.20 -39.94
N PRO C 174 4.29 0.82 -40.31
CA PRO C 174 3.36 1.45 -39.38
C PRO C 174 1.96 0.87 -39.24
N ILE C 175 1.77 -0.37 -39.70
CA ILE C 175 0.49 -1.05 -39.59
C ILE C 175 0.59 -2.14 -38.52
N GLY C 176 -0.32 -2.09 -37.53
CA GLY C 176 -0.25 -2.98 -36.38
C GLY C 176 -1.60 -3.61 -36.06
N LEU C 177 -1.56 -4.82 -35.48
CA LEU C 177 -2.75 -5.55 -35.07
C LEU C 177 -2.89 -5.50 -33.56
N ILE C 178 -4.13 -5.33 -33.07
CA ILE C 178 -4.40 -5.23 -31.64
C ILE C 178 -5.69 -5.98 -31.32
N LEU C 179 -5.71 -6.67 -30.17
CA LEU C 179 -6.85 -7.48 -29.79
C LEU C 179 -7.77 -6.67 -28.88
N LEU C 180 -9.08 -6.86 -29.07
CA LEU C 180 -10.07 -6.62 -28.03
C LEU C 180 -10.57 -7.98 -27.56
N GLY C 181 -10.53 -8.19 -26.24
CA GLY C 181 -10.93 -9.45 -25.64
C GLY C 181 -11.93 -9.22 -24.51
N GLU C 182 -12.93 -10.11 -24.41
CA GLU C 182 -13.79 -10.18 -23.24
C GLU C 182 -13.03 -10.92 -22.15
N VAL C 183 -12.74 -10.22 -21.05
CA VAL C 183 -11.89 -10.76 -19.99
C VAL C 183 -12.72 -10.84 -18.71
N ALA C 184 -12.93 -12.07 -18.21
CA ALA C 184 -13.62 -12.30 -16.96
C ALA C 184 -12.70 -11.92 -15.80
N LEU C 185 -12.77 -10.65 -15.39
CA LEU C 185 -11.93 -10.12 -14.33
C LEU C 185 -12.37 -10.71 -13.00
N GLY C 186 -13.67 -10.58 -12.70
CA GLY C 186 -14.22 -11.07 -11.44
C GLY C 186 -13.95 -10.09 -10.30
N ASN C 187 -13.50 -10.63 -9.17
CA ASN C 187 -13.07 -9.81 -8.04
C ASN C 187 -11.61 -9.42 -8.26
N MET C 188 -11.40 -8.15 -8.59
CA MET C 188 -10.07 -7.66 -8.92
C MET C 188 -9.29 -7.44 -7.63
N TYR C 189 -8.08 -8.00 -7.57
CA TYR C 189 -7.13 -7.68 -6.53
C TYR C 189 -6.37 -6.42 -6.96
N GLU C 190 -6.78 -5.27 -6.42
CA GLU C 190 -6.37 -3.98 -6.96
C GLU C 190 -5.13 -3.48 -6.23
N LEU C 191 -3.99 -3.53 -6.93
CA LEU C 191 -2.68 -3.21 -6.36
C LEU C 191 -2.21 -1.86 -6.89
N LYS C 192 -1.32 -1.23 -6.12
CA LYS C 192 -0.80 0.09 -6.45
C LYS C 192 0.66 -0.01 -6.91
N HIS C 193 1.29 -1.17 -6.67
CA HIS C 193 2.69 -1.36 -7.03
C HIS C 193 2.93 -2.82 -7.36
N ALA C 194 3.80 -3.05 -8.35
CA ALA C 194 4.14 -4.38 -8.84
C ALA C 194 4.40 -5.32 -7.67
N SER C 195 3.95 -6.57 -7.83
CA SER C 195 4.12 -7.59 -6.81
C SER C 195 4.39 -8.94 -7.48
N HIS C 196 5.45 -9.61 -7.02
CA HIS C 196 5.82 -10.92 -7.52
C HIS C 196 4.78 -11.93 -7.04
N ILE C 197 3.69 -12.04 -7.80
CA ILE C 197 2.55 -12.87 -7.43
C ILE C 197 2.82 -14.31 -7.89
N SER C 198 2.32 -15.27 -7.11
CA SER C 198 2.24 -16.66 -7.51
C SER C 198 0.78 -17.11 -7.45
N LYS C 199 0.21 -17.09 -6.24
CA LYS C 199 -1.18 -17.43 -6.03
C LYS C 199 -1.95 -16.14 -5.72
N LEU C 200 -3.25 -16.11 -6.08
CA LEU C 200 -4.13 -15.00 -5.76
C LEU C 200 -4.65 -15.15 -4.32
N PRO C 201 -5.18 -14.06 -3.73
CA PRO C 201 -6.00 -14.18 -2.52
C PRO C 201 -7.27 -14.96 -2.84
N LYS C 202 -7.86 -15.58 -1.81
CA LYS C 202 -9.11 -16.32 -1.96
C LYS C 202 -10.22 -15.34 -2.35
N GLY C 203 -11.00 -15.73 -3.36
CA GLY C 203 -12.09 -14.90 -3.86
C GLY C 203 -11.67 -14.08 -5.08
N LYS C 204 -10.38 -13.74 -5.16
CA LYS C 204 -9.86 -12.94 -6.26
C LYS C 204 -9.68 -13.82 -7.49
N HIS C 205 -9.87 -13.22 -8.68
CA HIS C 205 -9.75 -13.93 -9.94
C HIS C 205 -8.80 -13.17 -10.88
N SER C 206 -8.87 -11.84 -10.84
CA SER C 206 -7.94 -11.01 -11.60
C SER C 206 -7.07 -10.19 -10.65
N VAL C 207 -6.00 -9.62 -11.22
CA VAL C 207 -5.24 -8.56 -10.58
C VAL C 207 -5.40 -7.32 -11.44
N LYS C 208 -5.66 -6.17 -10.81
CA LYS C 208 -5.71 -4.90 -11.51
C LYS C 208 -4.63 -3.98 -10.94
N GLY C 209 -3.69 -3.58 -11.80
CA GLY C 209 -2.75 -2.52 -11.46
C GLY C 209 -3.43 -1.16 -11.55
N LEU C 210 -3.54 -0.47 -10.41
CA LEU C 210 -4.19 0.83 -10.34
C LEU C 210 -3.24 1.89 -10.92
N GLY C 211 -3.71 2.59 -11.96
CA GLY C 211 -2.94 3.63 -12.61
C GLY C 211 -3.41 5.01 -12.19
N LYS C 212 -2.58 6.03 -12.49
CA LYS C 212 -2.87 7.41 -12.15
C LYS C 212 -3.99 7.93 -13.05
N THR C 213 -3.80 7.83 -14.37
CA THR C 213 -4.79 8.29 -15.33
C THR C 213 -5.62 7.09 -15.79
N THR C 214 -6.95 7.29 -15.84
CA THR C 214 -7.90 6.21 -16.06
C THR C 214 -8.96 6.67 -17.05
N PRO C 215 -9.57 5.75 -17.84
CA PRO C 215 -10.79 6.07 -18.58
C PRO C 215 -11.90 6.45 -17.59
N ASP C 216 -12.50 7.63 -17.81
CA ASP C 216 -13.54 8.14 -16.93
C ASP C 216 -14.55 7.03 -16.66
N PRO C 217 -14.79 6.66 -15.39
CA PRO C 217 -15.66 5.52 -15.07
C PRO C 217 -17.14 5.77 -15.36
N SER C 218 -17.55 7.04 -15.25
CA SER C 218 -18.96 7.41 -15.41
C SER C 218 -19.30 7.69 -16.88
N ALA C 219 -18.35 7.40 -17.79
CA ALA C 219 -18.58 7.56 -19.22
C ALA C 219 -18.42 6.21 -19.92
N ASN C 220 -18.57 5.11 -19.18
CA ASN C 220 -18.48 3.77 -19.73
C ASN C 220 -19.82 3.39 -20.35
N ILE C 221 -19.81 2.34 -21.19
CA ILE C 221 -21.02 1.80 -21.77
C ILE C 221 -20.92 0.27 -21.75
N SER C 222 -22.04 -0.38 -22.09
CA SER C 222 -22.12 -1.83 -22.09
C SER C 222 -22.45 -2.34 -23.49
N LEU C 223 -21.49 -3.04 -24.12
CA LEU C 223 -21.69 -3.70 -25.38
C LEU C 223 -21.84 -5.21 -25.12
N ASP C 224 -23.02 -5.75 -25.47
CA ASP C 224 -23.41 -7.09 -25.10
C ASP C 224 -23.35 -7.22 -23.57
N GLY C 225 -22.86 -8.35 -23.06
CA GLY C 225 -22.77 -8.56 -21.62
C GLY C 225 -21.39 -8.18 -21.09
N VAL C 226 -20.91 -6.98 -21.47
CA VAL C 226 -19.54 -6.58 -21.20
C VAL C 226 -19.51 -5.08 -20.90
N ASP C 227 -18.71 -4.69 -19.90
CA ASP C 227 -18.34 -3.30 -19.68
C ASP C 227 -17.28 -2.90 -20.70
N VAL C 228 -17.45 -1.72 -21.31
CA VAL C 228 -16.44 -1.15 -22.19
C VAL C 228 -16.02 0.19 -21.60
N PRO C 229 -14.75 0.33 -21.11
CA PRO C 229 -14.31 1.55 -20.46
C PRO C 229 -13.77 2.59 -21.44
N LEU C 230 -14.67 3.13 -22.26
CA LEU C 230 -14.29 3.97 -23.39
C LEU C 230 -14.31 5.45 -23.01
N GLY C 231 -14.25 5.75 -21.71
CA GLY C 231 -14.16 7.13 -21.24
C GLY C 231 -12.86 7.77 -21.69
N THR C 232 -12.83 9.12 -21.68
CA THR C 232 -11.62 9.87 -21.92
C THR C 232 -10.70 9.72 -20.71
N GLY C 233 -9.39 9.90 -20.93
CA GLY C 233 -8.41 9.78 -19.86
C GLY C 233 -8.56 10.91 -18.85
N ILE C 234 -8.78 10.54 -17.57
CA ILE C 234 -8.84 11.48 -16.47
C ILE C 234 -8.01 10.93 -15.32
N SER C 235 -7.79 11.76 -14.29
CA SER C 235 -7.11 11.33 -13.08
C SER C 235 -8.05 10.41 -12.29
N SER C 236 -7.48 9.33 -11.74
CA SER C 236 -8.25 8.30 -11.07
C SER C 236 -8.50 8.67 -9.61
N GLY C 237 -7.74 9.66 -9.12
CA GLY C 237 -7.81 10.10 -7.73
C GLY C 237 -6.86 9.27 -6.87
N VAL C 238 -6.09 8.39 -7.50
CA VAL C 238 -5.15 7.52 -6.82
C VAL C 238 -3.78 8.17 -6.90
N ASN C 239 -3.29 8.68 -5.75
CA ASN C 239 -2.03 9.38 -5.70
C ASN C 239 -0.87 8.40 -5.67
N ASP C 240 -0.96 7.39 -4.80
CA ASP C 240 0.19 6.64 -4.32
C ASP C 240 0.32 5.31 -5.05
N THR C 241 0.61 5.40 -6.35
CA THR C 241 0.83 4.27 -7.23
C THR C 241 1.89 4.64 -8.26
N SER C 242 2.59 3.62 -8.78
CA SER C 242 3.70 3.81 -9.70
C SER C 242 3.25 3.75 -11.15
N LEU C 243 2.11 3.11 -11.43
CA LEU C 243 1.62 2.92 -12.78
C LEU C 243 1.03 4.22 -13.32
N LEU C 244 1.31 4.51 -14.60
CA LEU C 244 0.70 5.64 -15.29
C LEU C 244 -0.73 5.28 -15.67
N TYR C 245 -0.90 4.08 -16.25
CA TYR C 245 -2.18 3.64 -16.77
C TYR C 245 -2.56 2.32 -16.10
N ASN C 246 -3.87 2.03 -16.06
CA ASN C 246 -4.36 0.80 -15.48
C ASN C 246 -3.90 -0.37 -16.35
N GLU C 247 -3.73 -1.53 -15.73
CA GLU C 247 -3.50 -2.77 -16.46
C GLU C 247 -4.24 -3.91 -15.77
N TYR C 248 -4.54 -4.96 -16.54
CA TYR C 248 -5.36 -6.07 -16.08
C TYR C 248 -4.62 -7.37 -16.37
N ILE C 249 -4.60 -8.26 -15.37
CA ILE C 249 -3.87 -9.52 -15.47
C ILE C 249 -4.80 -10.66 -15.05
N VAL C 250 -4.73 -11.76 -15.81
CA VAL C 250 -5.45 -12.98 -15.51
C VAL C 250 -4.49 -14.15 -15.66
N TYR C 251 -4.63 -15.12 -14.75
CA TYR C 251 -3.62 -16.17 -14.59
C TYR C 251 -4.15 -17.51 -15.09
N ASP C 252 -5.44 -17.55 -15.46
CA ASP C 252 -6.05 -18.71 -16.08
C ASP C 252 -6.44 -18.32 -17.51
N ILE C 253 -6.00 -19.12 -18.49
CA ILE C 253 -6.11 -18.76 -19.90
C ILE C 253 -7.56 -18.91 -20.37
N ALA C 254 -8.42 -19.49 -19.53
CA ALA C 254 -9.82 -19.70 -19.86
C ALA C 254 -10.67 -18.48 -19.49
N GLN C 255 -10.04 -17.44 -18.93
CA GLN C 255 -10.74 -16.22 -18.55
C GLN C 255 -10.71 -15.20 -19.70
N VAL C 256 -10.06 -15.57 -20.81
CA VAL C 256 -9.94 -14.69 -21.96
C VAL C 256 -10.86 -15.21 -23.08
N ASN C 257 -11.72 -14.33 -23.59
CA ASN C 257 -12.50 -14.60 -24.79
C ASN C 257 -12.25 -13.47 -25.79
N LEU C 258 -11.58 -13.80 -26.90
CA LEU C 258 -11.21 -12.82 -27.90
C LEU C 258 -12.46 -12.47 -28.72
N LYS C 259 -12.65 -11.16 -28.97
CA LYS C 259 -13.86 -10.67 -29.61
C LYS C 259 -13.54 -10.01 -30.95
N TYR C 260 -12.60 -9.06 -30.94
CA TYR C 260 -12.24 -8.33 -32.14
C TYR C 260 -10.72 -8.32 -32.30
N LEU C 261 -10.28 -8.07 -33.55
CA LEU C 261 -8.87 -8.02 -33.91
C LEU C 261 -8.65 -6.88 -34.89
N LEU C 262 -8.44 -5.66 -34.36
CA LEU C 262 -8.39 -4.48 -35.20
C LEU C 262 -7.12 -4.50 -36.05
N LYS C 263 -7.07 -3.57 -37.02
CA LYS C 263 -5.89 -3.31 -37.82
C LYS C 263 -5.63 -1.81 -37.78
N LEU C 264 -4.55 -1.41 -37.10
CA LEU C 264 -4.29 -0.02 -36.78
C LEU C 264 -3.26 0.55 -37.75
N LYS C 265 -3.30 1.89 -37.90
CA LYS C 265 -2.32 2.63 -38.66
C LYS C 265 -1.69 3.68 -37.75
N PHE C 266 -0.39 3.52 -37.47
CA PHE C 266 0.35 4.44 -36.64
C PHE C 266 0.83 5.62 -37.50
N ASN C 267 0.29 6.81 -37.23
CA ASN C 267 0.65 8.01 -37.97
C ASN C 267 1.60 8.85 -37.12
N PHE C 268 2.90 8.56 -37.23
CA PHE C 268 3.91 9.17 -36.38
C PHE C 268 4.01 10.66 -36.69
N LYS C 269 4.68 11.39 -35.80
CA LYS C 269 4.95 12.81 -35.98
C LYS C 269 6.44 13.04 -36.33
N SER D 24 33.15 -2.31 6.32
CA SER D 24 33.05 -1.32 5.21
C SER D 24 33.61 0.02 5.65
N LYS D 25 34.58 0.55 4.88
CA LYS D 25 35.15 1.86 5.13
C LYS D 25 34.35 2.90 4.37
N LEU D 26 33.03 2.93 4.64
CA LEU D 26 32.10 3.80 3.94
C LEU D 26 31.12 4.41 4.96
N PRO D 27 30.57 5.61 4.70
CA PRO D 27 29.52 6.17 5.58
C PRO D 27 28.31 5.25 5.65
N LYS D 28 27.51 5.40 6.72
CA LYS D 28 26.31 4.60 6.90
C LYS D 28 25.30 4.90 5.78
N PRO D 29 25.06 6.18 5.40
CA PRO D 29 24.12 6.49 4.32
C PRO D 29 24.44 5.79 3.01
N VAL D 30 25.73 5.61 2.71
CA VAL D 30 26.16 4.99 1.47
C VAL D 30 25.82 3.50 1.49
N GLN D 31 26.11 2.83 2.61
CA GLN D 31 25.92 1.39 2.72
C GLN D 31 24.45 1.02 2.58
N ASP D 32 23.56 1.89 3.06
CA ASP D 32 22.14 1.77 2.81
C ASP D 32 21.90 1.76 1.31
N LEU D 33 22.43 2.78 0.63
CA LEU D 33 22.29 2.96 -0.81
C LEU D 33 22.77 1.71 -1.55
N ILE D 34 23.85 1.08 -1.08
CA ILE D 34 24.39 -0.10 -1.72
C ILE D 34 23.33 -1.21 -1.68
N LYS D 35 22.86 -1.52 -0.46
CA LYS D 35 21.88 -2.57 -0.25
C LYS D 35 20.58 -2.23 -0.99
N MET D 36 20.22 -0.95 -1.01
CA MET D 36 19.01 -0.47 -1.64
C MET D 36 18.98 -0.90 -3.11
N ILE D 37 20.08 -0.64 -3.83
CA ILE D 37 20.16 -0.93 -5.25
C ILE D 37 20.19 -2.44 -5.45
N PHE D 38 21.19 -3.10 -4.85
CA PHE D 38 21.33 -4.55 -4.97
C PHE D 38 20.30 -5.23 -4.06
N PRO D 48 27.55 -9.44 0.18
CA PRO D 48 28.76 -8.64 0.19
C PRO D 48 28.49 -7.20 -0.28
N ILE D 49 29.02 -6.22 0.46
CA ILE D 49 28.74 -4.81 0.22
C ILE D 49 29.85 -4.19 -0.62
N ASP D 50 31.09 -4.32 -0.15
CA ASP D 50 32.23 -3.65 -0.78
C ASP D 50 32.54 -4.24 -2.14
N VAL D 51 32.20 -5.51 -2.34
CA VAL D 51 32.34 -6.15 -3.66
C VAL D 51 31.35 -5.52 -4.62
N ASN D 52 30.13 -5.23 -4.12
CA ASN D 52 29.06 -4.65 -4.92
C ASN D 52 29.35 -3.19 -5.23
N TYR D 53 30.10 -2.52 -4.34
CA TYR D 53 30.44 -1.11 -4.53
C TYR D 53 31.39 -0.94 -5.71
N GLU D 54 32.33 -1.88 -5.86
CA GLU D 54 33.27 -1.86 -6.97
C GLU D 54 32.55 -2.10 -8.28
N LYS D 55 31.51 -2.96 -8.26
CA LYS D 55 30.78 -3.33 -9.47
C LYS D 55 30.05 -2.13 -10.06
N LEU D 56 29.74 -1.13 -9.22
CA LEU D 56 29.15 0.13 -9.69
C LEU D 56 30.19 0.94 -10.42
N LYS D 57 31.48 0.76 -10.07
CA LYS D 57 32.58 1.49 -10.68
C LYS D 57 32.27 2.99 -10.57
N THR D 58 31.97 3.43 -9.36
CA THR D 58 31.50 4.78 -9.10
C THR D 58 31.93 5.21 -7.70
N ASP D 59 32.55 6.39 -7.60
CA ASP D 59 32.92 6.94 -6.31
C ASP D 59 31.73 7.70 -5.74
N ILE D 60 31.13 7.13 -4.70
CA ILE D 60 29.94 7.70 -4.08
C ILE D 60 30.32 8.37 -2.77
N LYS D 61 30.44 9.69 -2.79
CA LYS D 61 30.63 10.48 -1.58
C LYS D 61 29.29 11.08 -1.17
N VAL D 62 29.06 11.15 0.15
CA VAL D 62 27.88 11.83 0.69
C VAL D 62 28.19 13.32 0.78
N VAL D 63 27.29 14.14 0.26
CA VAL D 63 27.45 15.59 0.34
C VAL D 63 27.00 16.02 1.74
N ASP D 64 27.65 17.04 2.28
CA ASP D 64 27.34 17.52 3.63
C ASP D 64 26.08 18.38 3.56
N ARG D 65 25.22 18.24 4.57
CA ARG D 65 23.93 18.91 4.59
C ARG D 65 24.13 20.43 4.73
N ASP D 66 25.14 20.83 5.50
CA ASP D 66 25.54 22.23 5.59
C ASP D 66 26.71 22.48 4.64
N SER D 67 26.41 22.56 3.35
CA SER D 67 27.38 22.90 2.32
C SER D 67 26.73 23.82 1.29
N GLU D 68 27.52 24.26 0.30
CA GLU D 68 27.01 25.10 -0.77
C GLU D 68 26.16 24.25 -1.73
N GLU D 69 26.64 23.04 -2.03
CA GLU D 69 25.98 22.16 -2.99
C GLU D 69 24.59 21.82 -2.48
N ALA D 70 24.52 21.32 -1.23
CA ALA D 70 23.29 20.82 -0.64
C ALA D 70 22.23 21.92 -0.58
N GLU D 71 22.65 23.14 -0.24
CA GLU D 71 21.74 24.27 -0.10
C GLU D 71 21.16 24.64 -1.47
N ILE D 72 21.91 24.38 -2.55
CA ILE D 72 21.42 24.58 -3.90
C ILE D 72 20.54 23.40 -4.30
N ILE D 73 21.05 22.18 -4.10
CA ILE D 73 20.39 20.97 -4.56
C ILE D 73 19.01 20.83 -3.91
N ARG D 74 18.92 21.11 -2.61
CA ARG D 74 17.64 20.96 -1.91
C ARG D 74 16.72 22.13 -2.23
N LYS D 75 17.28 23.26 -2.70
CA LYS D 75 16.48 24.39 -3.16
C LYS D 75 15.92 24.09 -4.54
N TYR D 76 16.69 23.35 -5.36
CA TYR D 76 16.25 22.92 -6.68
C TYR D 76 15.01 22.05 -6.53
N VAL D 77 15.04 21.15 -5.54
CA VAL D 77 13.96 20.21 -5.29
C VAL D 77 12.73 20.93 -4.73
N LYS D 78 12.94 22.02 -3.98
CA LYS D 78 11.83 22.72 -3.36
C LYS D 78 11.08 23.54 -4.40
N ASN D 79 11.82 24.25 -5.27
CA ASN D 79 11.24 25.23 -6.16
C ASN D 79 10.50 24.54 -7.31
N THR D 80 11.04 23.42 -7.80
CA THR D 80 10.58 22.80 -9.02
C THR D 80 9.56 21.69 -8.74
N HIS D 81 9.03 21.65 -7.52
CA HIS D 81 7.92 20.76 -7.18
C HIS D 81 6.63 21.38 -7.71
N ALA D 82 6.04 20.77 -8.74
CA ALA D 82 5.12 21.46 -9.63
C ALA D 82 3.67 21.31 -9.16
N THR D 83 2.80 22.14 -9.75
CA THR D 83 1.40 22.28 -9.35
C THR D 83 0.58 21.07 -9.78
N THR D 84 0.93 20.46 -10.93
CA THR D 84 0.28 19.25 -11.40
C THR D 84 0.54 18.13 -10.39
N HIS D 85 1.81 17.99 -10.00
CA HIS D 85 2.29 16.87 -9.20
C HIS D 85 2.19 17.22 -7.72
N ASN D 86 0.94 17.29 -7.24
CA ASN D 86 0.65 17.65 -5.86
C ASN D 86 0.14 16.43 -5.10
N ALA D 87 0.16 15.27 -5.75
CA ALA D 87 -0.24 14.01 -5.15
C ALA D 87 0.71 13.61 -4.01
N TYR D 88 1.82 14.36 -3.86
CA TYR D 88 2.79 14.08 -2.82
C TYR D 88 3.68 15.31 -2.62
N ASP D 89 4.37 15.36 -1.48
CA ASP D 89 5.43 16.33 -1.24
C ASP D 89 6.74 15.57 -1.06
N LEU D 90 7.86 16.18 -1.47
CA LEU D 90 9.15 15.52 -1.44
C LEU D 90 9.93 15.92 -0.18
N GLU D 91 10.87 15.05 0.19
CA GLU D 91 11.80 15.30 1.28
C GLU D 91 13.12 14.63 0.93
N VAL D 92 14.20 15.41 0.96
CA VAL D 92 15.52 14.94 0.55
C VAL D 92 16.20 14.28 1.74
N ILE D 93 16.39 12.96 1.66
CA ILE D 93 16.95 12.19 2.76
C ILE D 93 18.47 12.29 2.71
N ASP D 94 19.08 11.78 1.63
CA ASP D 94 20.52 11.75 1.48
C ASP D 94 20.90 12.18 0.06
N ILE D 95 21.83 13.13 -0.04
CA ILE D 95 22.43 13.51 -1.32
C ILE D 95 23.72 12.69 -1.47
N PHE D 96 24.13 12.46 -2.73
CA PHE D 96 25.33 11.71 -3.01
C PHE D 96 26.04 12.31 -4.23
N LYS D 97 27.28 12.76 -4.04
CA LYS D 97 28.13 13.18 -5.14
C LYS D 97 28.72 11.93 -5.79
N ILE D 98 28.46 11.77 -7.09
CA ILE D 98 28.85 10.56 -7.80
C ILE D 98 29.81 10.94 -8.92
N GLU D 99 30.64 9.95 -9.29
CA GLU D 99 31.77 10.17 -10.19
C GLU D 99 32.08 8.84 -10.88
N ARG D 100 31.28 8.52 -11.90
CA ARG D 100 31.48 7.28 -12.66
C ARG D 100 32.88 7.26 -13.24
N GLU D 101 33.46 6.05 -13.30
CA GLU D 101 34.85 5.87 -13.70
C GLU D 101 34.95 6.03 -15.22
N GLY D 102 35.82 6.95 -15.66
CA GLY D 102 36.11 7.17 -17.07
C GLY D 102 35.11 8.12 -17.73
N GLU D 103 34.11 8.60 -16.96
CA GLU D 103 33.05 9.40 -17.51
C GLU D 103 33.54 10.84 -17.71
N CYS D 104 34.52 11.27 -16.91
CA CYS D 104 35.10 12.60 -17.05
C CYS D 104 35.86 12.70 -18.37
N GLN D 105 36.53 11.60 -18.77
CA GLN D 105 37.38 11.58 -19.95
C GLN D 105 36.52 11.42 -21.22
N ARG D 106 35.41 10.68 -21.09
CA ARG D 106 34.49 10.46 -22.20
C ARG D 106 33.72 11.74 -22.53
N TYR D 107 33.49 12.56 -21.50
CA TYR D 107 32.68 13.77 -21.62
C TYR D 107 33.54 14.97 -22.02
N LYS D 108 34.85 14.75 -22.19
CA LYS D 108 35.81 15.82 -22.39
C LYS D 108 35.48 16.64 -23.63
N PRO D 109 35.10 16.03 -24.78
CA PRO D 109 34.73 16.79 -25.98
C PRO D 109 33.58 17.76 -25.73
N PHE D 110 32.55 17.27 -25.02
CA PHE D 110 31.30 18.00 -24.85
C PHE D 110 31.41 18.99 -23.70
N LYS D 111 32.47 18.86 -22.88
CA LYS D 111 32.74 19.80 -21.81
C LYS D 111 32.82 21.23 -22.34
N GLN D 112 33.37 21.38 -23.55
CA GLN D 112 33.59 22.69 -24.15
C GLN D 112 32.28 23.27 -24.67
N LEU D 113 31.40 22.41 -25.20
CA LEU D 113 30.15 22.82 -25.81
C LEU D 113 29.37 23.69 -24.83
N HIS D 114 28.76 24.77 -25.36
CA HIS D 114 28.03 25.73 -24.56
C HIS D 114 26.67 25.18 -24.20
N ASN D 115 25.98 25.87 -23.27
CA ASN D 115 24.63 25.50 -22.85
C ASN D 115 24.66 24.10 -22.24
N ARG D 116 25.07 24.04 -20.97
CA ARG D 116 25.07 22.79 -20.22
C ARG D 116 24.27 22.99 -18.93
N ARG D 117 23.28 22.12 -18.70
CA ARG D 117 22.40 22.25 -17.56
C ARG D 117 22.52 21.05 -16.65
N LEU D 118 22.17 21.27 -15.37
CA LEU D 118 22.04 20.22 -14.38
C LEU D 118 20.57 19.81 -14.31
N LEU D 119 20.25 18.62 -14.82
CA LEU D 119 18.87 18.25 -15.08
C LEU D 119 18.55 16.92 -14.41
N TRP D 120 17.25 16.73 -14.09
CA TRP D 120 16.78 15.59 -13.35
C TRP D 120 16.62 14.38 -14.26
N HIS D 121 16.81 13.18 -13.69
CA HIS D 121 16.50 11.94 -14.40
C HIS D 121 16.11 10.87 -13.38
N GLY D 122 14.79 10.70 -13.21
CA GLY D 122 14.27 9.66 -12.34
C GLY D 122 14.26 8.32 -13.05
N SER D 123 14.43 7.24 -12.27
CA SER D 123 14.36 5.89 -12.80
C SER D 123 14.00 4.92 -11.66
N ARG D 124 13.68 3.68 -12.02
CA ARG D 124 13.39 2.65 -11.05
C ARG D 124 14.66 2.30 -10.30
N THR D 125 14.51 1.98 -9.00
CA THR D 125 15.62 1.69 -8.11
C THR D 125 16.39 0.45 -8.59
N THR D 126 15.67 -0.46 -9.25
CA THR D 126 16.26 -1.69 -9.77
C THR D 126 17.35 -1.37 -10.79
N ASN D 127 17.15 -0.30 -11.57
CA ASN D 127 17.97 -0.02 -12.75
C ASN D 127 19.29 0.64 -12.39
N PHE D 128 19.39 1.23 -11.19
CA PHE D 128 20.54 2.06 -10.83
C PHE D 128 21.83 1.25 -10.76
N ALA D 129 21.73 -0.07 -10.58
CA ALA D 129 22.88 -0.95 -10.66
C ALA D 129 23.53 -0.83 -12.04
N GLY D 130 22.71 -0.94 -13.09
CA GLY D 130 23.17 -0.85 -14.46
C GLY D 130 23.59 0.57 -14.85
N ILE D 131 22.87 1.57 -14.33
CA ILE D 131 23.10 2.96 -14.68
C ILE D 131 24.47 3.41 -14.18
N LEU D 132 24.75 3.17 -12.89
CA LEU D 132 26.01 3.61 -12.30
C LEU D 132 27.18 2.85 -12.94
N SER D 133 26.97 1.58 -13.28
CA SER D 133 28.02 0.76 -13.86
C SER D 133 28.27 1.15 -15.32
N GLN D 134 27.18 1.28 -16.10
CA GLN D 134 27.29 1.45 -17.55
C GLN D 134 26.92 2.85 -18.00
N GLY D 135 26.57 3.74 -17.04
CA GLY D 135 26.09 5.07 -17.37
C GLY D 135 24.65 5.03 -17.86
N LEU D 136 24.10 6.20 -18.18
CA LEU D 136 22.79 6.27 -18.84
C LEU D 136 22.99 5.92 -20.31
N ARG D 137 22.24 4.92 -20.77
CA ARG D 137 22.35 4.40 -22.14
C ARG D 137 21.03 4.61 -22.86
N ILE D 138 21.06 4.46 -24.19
CA ILE D 138 19.87 4.56 -25.01
C ILE D 138 19.11 3.24 -24.87
N ALA D 139 17.78 3.33 -25.03
CA ALA D 139 16.93 2.16 -24.99
C ALA D 139 17.30 1.25 -26.15
N PRO D 140 17.30 -0.10 -25.94
CA PRO D 140 17.76 -1.03 -26.97
C PRO D 140 16.90 -1.03 -28.23
N PRO D 141 17.38 -1.61 -29.35
CA PRO D 141 16.63 -1.62 -30.61
C PRO D 141 15.23 -2.21 -30.55
N GLU D 142 15.00 -3.18 -29.64
CA GLU D 142 13.75 -3.92 -29.61
C GLU D 142 12.63 -3.11 -28.95
N ALA D 143 13.00 -2.29 -27.94
CA ALA D 143 12.03 -1.61 -27.09
C ALA D 143 11.07 -0.75 -27.91
N PRO D 144 9.82 -0.53 -27.42
CA PRO D 144 8.74 0.00 -28.25
C PRO D 144 8.93 1.47 -28.61
N VAL D 145 8.94 1.74 -29.93
CA VAL D 145 9.35 3.02 -30.48
C VAL D 145 8.16 3.99 -30.51
N THR D 146 6.94 3.43 -30.43
CA THR D 146 5.72 4.23 -30.39
C THR D 146 5.68 5.04 -29.10
N GLY D 147 6.14 4.43 -27.99
CA GLY D 147 6.06 5.04 -26.67
C GLY D 147 7.30 5.86 -26.32
N TYR D 148 7.63 6.84 -27.18
CA TYR D 148 8.57 7.90 -26.83
C TYR D 148 8.09 9.21 -27.44
N MET D 149 8.34 10.32 -26.74
CA MET D 149 7.93 11.64 -27.19
C MET D 149 8.83 12.08 -28.35
N PHE D 150 10.14 12.13 -28.10
CA PHE D 150 11.10 12.63 -29.07
C PHE D 150 12.10 11.53 -29.41
N GLY D 151 11.56 10.38 -29.86
CA GLY D 151 12.39 9.25 -30.29
C GLY D 151 13.17 8.63 -29.13
N LYS D 152 14.05 7.67 -29.44
CA LYS D 152 14.90 7.04 -28.44
C LYS D 152 16.08 7.96 -28.13
N GLY D 153 16.20 8.38 -26.87
CA GLY D 153 17.30 9.20 -26.41
C GLY D 153 17.53 9.05 -24.91
N ILE D 154 17.96 10.14 -24.26
CA ILE D 154 18.09 10.20 -22.81
C ILE D 154 17.34 11.43 -22.33
N TYR D 155 16.33 11.21 -21.49
CA TYR D 155 15.37 12.25 -21.13
C TYR D 155 15.80 12.88 -19.81
N PHE D 156 15.58 14.19 -19.71
CA PHE D 156 15.84 14.94 -18.49
C PHE D 156 14.78 16.02 -18.35
N ALA D 157 14.61 16.54 -17.12
CA ALA D 157 13.67 17.62 -16.88
C ALA D 157 14.35 18.67 -16.02
N ASP D 158 13.79 19.89 -16.07
CA ASP D 158 14.19 20.98 -15.20
C ASP D 158 13.22 21.06 -14.02
N MET D 159 12.15 20.27 -14.07
CA MET D 159 11.25 20.09 -12.94
C MET D 159 11.59 18.77 -12.26
N VAL D 160 11.75 18.81 -10.93
CA VAL D 160 12.04 17.61 -10.15
C VAL D 160 10.82 16.68 -10.19
N SER D 161 9.62 17.27 -10.13
CA SER D 161 8.39 16.51 -9.96
C SER D 161 8.06 15.70 -11.21
N LYS D 162 8.53 16.14 -12.38
CA LYS D 162 8.28 15.42 -13.61
C LYS D 162 9.15 14.15 -13.67
N SER D 163 10.44 14.31 -13.36
CA SER D 163 11.38 13.20 -13.41
C SER D 163 11.09 12.20 -12.30
N ALA D 164 10.72 12.72 -11.12
CA ALA D 164 10.45 11.90 -9.96
C ALA D 164 9.39 10.84 -10.26
N ASN D 165 8.43 11.18 -11.13
CA ASN D 165 7.37 10.26 -11.52
C ASN D 165 7.95 8.93 -12.03
N TYR D 166 9.17 8.96 -12.57
CA TYR D 166 9.76 7.80 -13.20
C TYR D 166 10.57 6.99 -12.19
N CYS D 167 10.49 7.34 -10.91
CA CYS D 167 11.01 6.50 -9.83
C CYS D 167 10.04 5.36 -9.54
N HIS D 168 8.74 5.60 -9.79
CA HIS D 168 7.70 4.59 -9.63
C HIS D 168 7.62 4.19 -8.16
N THR D 169 7.55 5.19 -7.27
CA THR D 169 7.40 4.94 -5.85
C THR D 169 5.91 4.80 -5.56
N SER D 170 5.58 3.78 -4.75
CA SER D 170 4.21 3.52 -4.35
C SER D 170 4.05 3.85 -2.87
N GLN D 171 2.80 3.74 -2.37
CA GLN D 171 2.47 4.03 -0.99
C GLN D 171 3.33 3.16 -0.05
N GLY D 172 3.41 1.86 -0.37
CA GLY D 172 4.17 0.92 0.43
C GLY D 172 5.59 0.73 -0.10
N ASP D 173 6.16 1.77 -0.72
CA ASP D 173 7.52 1.73 -1.21
C ASP D 173 7.94 3.16 -1.55
N PRO D 174 7.84 4.12 -0.61
CA PRO D 174 7.92 5.55 -0.94
C PRO D 174 9.29 6.22 -0.96
N ILE D 175 10.36 5.43 -1.03
CA ILE D 175 11.72 5.96 -1.12
C ILE D 175 12.25 5.74 -2.54
N GLY D 176 12.70 6.83 -3.18
CA GLY D 176 13.11 6.79 -4.58
C GLY D 176 14.45 7.49 -4.81
N LEU D 177 15.17 7.04 -5.85
CA LEU D 177 16.45 7.61 -6.25
C LEU D 177 16.27 8.43 -7.53
N ILE D 178 16.95 9.57 -7.61
CA ILE D 178 16.84 10.47 -8.76
C ILE D 178 18.22 11.05 -9.07
N LEU D 179 18.54 11.18 -10.37
CA LEU D 179 19.84 11.65 -10.80
C LEU D 179 19.78 13.15 -11.06
N LEU D 180 20.87 13.84 -10.68
CA LEU D 180 21.23 15.11 -11.29
C LEU D 180 22.44 14.87 -12.18
N GLY D 181 22.34 15.32 -13.43
CA GLY D 181 23.39 15.12 -14.41
C GLY D 181 23.76 16.43 -15.11
N GLU D 182 25.05 16.62 -15.36
CA GLU D 182 25.52 17.68 -16.24
C GLU D 182 25.30 17.22 -17.68
N VAL D 183 24.44 17.94 -18.41
CA VAL D 183 24.03 17.53 -19.74
C VAL D 183 24.46 18.61 -20.73
N ALA D 184 25.35 18.24 -21.65
CA ALA D 184 25.79 19.13 -22.72
C ALA D 184 24.68 19.26 -23.77
N LEU D 185 23.79 20.23 -23.56
CA LEU D 185 22.63 20.43 -24.43
C LEU D 185 23.12 20.98 -25.78
N GLY D 186 23.88 22.07 -25.72
CA GLY D 186 24.40 22.71 -26.93
C GLY D 186 23.34 23.60 -27.57
N ASN D 187 23.18 23.48 -28.90
CA ASN D 187 22.13 24.18 -29.62
C ASN D 187 20.86 23.35 -29.56
N MET D 188 19.89 23.80 -28.77
CA MET D 188 18.68 23.06 -28.54
C MET D 188 17.75 23.21 -29.73
N TYR D 189 17.26 22.10 -30.26
CA TYR D 189 16.18 22.11 -31.25
C TYR D 189 14.85 22.15 -30.49
N GLU D 190 14.26 23.35 -30.38
CA GLU D 190 13.18 23.61 -29.45
C GLU D 190 11.83 23.38 -30.13
N LEU D 191 11.17 22.28 -29.75
CA LEU D 191 9.92 21.84 -30.37
C LEU D 191 8.76 22.09 -29.41
N LYS D 192 7.55 22.19 -29.97
CA LYS D 192 6.34 22.47 -29.21
C LYS D 192 5.45 21.25 -29.12
N HIS D 193 5.74 20.22 -29.93
CA HIS D 193 4.95 19.01 -29.95
C HIS D 193 5.82 17.83 -30.33
N ALA D 194 5.55 16.68 -29.69
CA ALA D 194 6.29 15.45 -29.90
C ALA D 194 6.46 15.18 -31.39
N SER D 195 7.63 14.67 -31.76
CA SER D 195 7.95 14.32 -33.14
C SER D 195 8.89 13.12 -33.13
N HIS D 196 8.55 12.09 -33.91
CA HIS D 196 9.35 10.87 -33.94
C HIS D 196 10.66 11.16 -34.67
N ILE D 197 11.64 11.67 -33.90
CA ILE D 197 12.92 12.10 -34.47
C ILE D 197 13.86 10.90 -34.54
N SER D 198 14.73 10.91 -35.56
CA SER D 198 15.84 9.99 -35.66
C SER D 198 17.14 10.80 -35.70
N LYS D 199 17.28 11.65 -36.73
CA LYS D 199 18.45 12.50 -36.91
C LYS D 199 18.09 13.94 -36.54
N LEU D 200 19.08 14.67 -36.04
CA LEU D 200 18.91 16.06 -35.64
C LEU D 200 19.08 16.96 -36.86
N PRO D 201 18.64 18.23 -36.81
CA PRO D 201 19.09 19.25 -37.76
C PRO D 201 20.59 19.49 -37.57
N LYS D 202 21.27 19.96 -38.62
CA LYS D 202 22.69 20.23 -38.53
C LYS D 202 22.93 21.40 -37.58
N GLY D 203 23.90 21.24 -36.68
CA GLY D 203 24.22 22.26 -35.70
C GLY D 203 23.55 22.00 -34.36
N LYS D 204 22.39 21.32 -34.39
CA LYS D 204 21.68 20.96 -33.18
C LYS D 204 22.36 19.77 -32.52
N HIS D 205 22.31 19.73 -31.18
CA HIS D 205 22.91 18.67 -30.39
C HIS D 205 21.88 18.07 -29.43
N SER D 206 21.01 18.93 -28.88
CA SER D 206 19.91 18.47 -28.04
C SER D 206 18.58 18.79 -28.72
N VAL D 207 17.53 18.15 -28.21
CA VAL D 207 16.15 18.53 -28.47
C VAL D 207 15.55 18.98 -27.14
N LYS D 208 14.85 20.12 -27.15
CA LYS D 208 14.13 20.58 -25.98
C LYS D 208 12.64 20.65 -26.30
N GLY D 209 11.84 19.88 -25.56
CA GLY D 209 10.40 20.03 -25.59
C GLY D 209 9.98 21.25 -24.79
N LEU D 210 9.40 22.25 -25.48
CA LEU D 210 8.96 23.47 -24.84
C LEU D 210 7.66 23.20 -24.08
N GLY D 211 7.69 23.47 -22.76
CA GLY D 211 6.55 23.27 -21.90
C GLY D 211 5.87 24.60 -21.58
N LYS D 212 4.64 24.51 -21.05
CA LYS D 212 3.85 25.69 -20.70
C LYS D 212 4.46 26.36 -19.47
N THR D 213 4.61 25.58 -18.39
CA THR D 213 5.17 26.07 -17.14
C THR D 213 6.65 25.72 -17.09
N THR D 214 7.48 26.70 -16.70
CA THR D 214 8.93 26.59 -16.76
C THR D 214 9.54 27.14 -15.48
N PRO D 215 10.73 26.66 -15.06
CA PRO D 215 11.51 27.33 -14.02
C PRO D 215 11.88 28.73 -14.50
N ASP D 216 11.54 29.75 -13.69
CA ASP D 216 11.80 31.13 -14.02
C ASP D 216 13.23 31.27 -14.53
N PRO D 217 13.46 31.77 -15.76
CA PRO D 217 14.80 31.82 -16.34
C PRO D 217 15.73 32.84 -15.67
N SER D 218 15.15 33.91 -15.14
CA SER D 218 15.91 35.00 -14.55
C SER D 218 16.19 34.74 -13.07
N ALA D 219 15.87 33.54 -12.58
CA ALA D 219 16.15 33.15 -11.21
C ALA D 219 17.07 31.92 -11.19
N ASN D 220 17.81 31.71 -12.28
CA ASN D 220 18.76 30.62 -12.38
C ASN D 220 20.07 31.02 -11.70
N ILE D 221 20.90 30.02 -11.41
CA ILE D 221 22.24 30.25 -10.87
C ILE D 221 23.21 29.30 -11.56
N SER D 222 24.50 29.51 -11.30
CA SER D 222 25.56 28.70 -11.90
C SER D 222 26.37 27.99 -10.82
N LEU D 223 26.25 26.66 -10.77
CA LEU D 223 27.04 25.82 -9.90
C LEU D 223 28.13 25.14 -10.74
N ASP D 224 29.40 25.44 -10.42
CA ASP D 224 30.54 25.06 -11.24
C ASP D 224 30.34 25.64 -12.64
N GLY D 225 30.68 24.87 -13.69
CA GLY D 225 30.53 25.34 -15.06
C GLY D 225 29.19 24.89 -15.67
N VAL D 226 28.11 25.11 -14.92
CA VAL D 226 26.81 24.56 -15.28
C VAL D 226 25.72 25.56 -14.89
N ASP D 227 24.72 25.71 -15.78
CA ASP D 227 23.49 26.40 -15.46
C ASP D 227 22.61 25.46 -14.63
N VAL D 228 22.02 25.99 -13.55
CA VAL D 228 21.06 25.25 -12.76
C VAL D 228 19.74 26.01 -12.79
N PRO D 229 18.68 25.47 -13.42
CA PRO D 229 17.41 26.17 -13.58
C PRO D 229 16.47 25.99 -12.38
N LEU D 230 16.88 26.55 -11.23
CA LEU D 230 16.21 26.27 -9.96
C LEU D 230 15.15 27.33 -9.66
N GLY D 231 14.71 28.06 -10.70
CA GLY D 231 13.63 29.01 -10.54
C GLY D 231 12.32 28.33 -10.15
N THR D 232 11.39 29.11 -9.58
CA THR D 232 10.05 28.63 -9.30
C THR D 232 9.30 28.49 -10.61
N GLY D 233 8.27 27.63 -10.62
CA GLY D 233 7.48 27.39 -11.81
C GLY D 233 6.66 28.62 -12.19
N ILE D 234 6.86 29.11 -13.43
CA ILE D 234 6.08 30.20 -13.99
C ILE D 234 5.68 29.83 -15.41
N SER D 235 4.80 30.64 -16.02
CA SER D 235 4.42 30.48 -17.40
C SER D 235 5.59 30.89 -18.30
N SER D 236 5.82 30.10 -19.35
CA SER D 236 6.98 30.27 -20.22
C SER D 236 6.71 31.30 -21.31
N GLY D 237 5.42 31.60 -21.53
CA GLY D 237 5.00 32.52 -22.58
C GLY D 237 4.94 31.83 -23.94
N VAL D 238 4.98 30.48 -23.93
CA VAL D 238 5.00 29.69 -25.13
C VAL D 238 3.57 29.31 -25.52
N ASN D 239 3.10 29.87 -26.64
CA ASN D 239 1.79 29.54 -27.19
C ASN D 239 1.86 28.18 -27.87
N ASP D 240 0.70 27.52 -27.96
CA ASP D 240 0.54 26.35 -28.81
C ASP D 240 1.67 25.35 -28.55
N THR D 241 1.70 24.78 -27.33
CA THR D 241 2.46 23.58 -27.06
C THR D 241 1.63 22.65 -26.18
N SER D 242 1.89 21.35 -26.32
CA SER D 242 1.10 20.32 -25.67
C SER D 242 1.74 19.89 -24.35
N LEU D 243 3.05 20.12 -24.19
CA LEU D 243 3.78 19.74 -23.00
C LEU D 243 3.43 20.66 -21.82
N LEU D 244 3.28 20.06 -20.64
CA LEU D 244 3.06 20.80 -19.42
C LEU D 244 4.38 21.40 -18.96
N TYR D 245 5.42 20.55 -18.93
CA TYR D 245 6.73 20.92 -18.42
C TYR D 245 7.78 20.69 -19.50
N ASN D 246 8.90 21.42 -19.38
CA ASN D 246 10.01 21.27 -20.32
C ASN D 246 10.62 19.89 -20.15
N GLU D 247 11.19 19.35 -21.23
CA GLU D 247 11.99 18.15 -21.16
C GLU D 247 13.17 18.27 -22.13
N TYR D 248 14.23 17.51 -21.84
CA TYR D 248 15.49 17.62 -22.54
C TYR D 248 15.90 16.24 -23.02
N ILE D 249 16.33 16.14 -24.28
CA ILE D 249 16.70 14.86 -24.88
C ILE D 249 18.07 15.01 -25.55
N VAL D 250 18.92 14.00 -25.38
CA VAL D 250 20.21 13.92 -26.06
C VAL D 250 20.37 12.50 -26.60
N TYR D 251 20.96 12.40 -27.80
CA TYR D 251 20.95 11.18 -28.58
C TYR D 251 22.33 10.53 -28.61
N ASP D 252 23.33 11.22 -28.02
CA ASP D 252 24.67 10.67 -27.84
C ASP D 252 24.94 10.51 -26.35
N ILE D 253 25.36 9.31 -25.94
CA ILE D 253 25.42 8.96 -24.52
C ILE D 253 26.62 9.63 -23.85
N ALA D 254 27.48 10.27 -24.65
CA ALA D 254 28.66 10.95 -24.13
C ALA D 254 28.36 12.40 -23.76
N GLN D 255 27.09 12.82 -23.93
CA GLN D 255 26.68 14.17 -23.59
C GLN D 255 26.17 14.23 -22.16
N VAL D 256 26.15 13.08 -21.46
CA VAL D 256 25.66 13.00 -20.10
C VAL D 256 26.84 12.80 -19.15
N ASN D 257 26.94 13.68 -18.13
CA ASN D 257 27.88 13.52 -17.04
C ASN D 257 27.11 13.57 -15.73
N LEU D 258 27.06 12.44 -15.03
CA LEU D 258 26.29 12.31 -13.81
C LEU D 258 27.06 12.99 -12.67
N LYS D 259 26.34 13.76 -11.86
CA LYS D 259 26.95 14.59 -10.82
C LYS D 259 26.49 14.17 -9.43
N TYR D 260 25.17 14.09 -9.23
CA TYR D 260 24.60 13.73 -7.94
C TYR D 260 23.55 12.64 -8.11
N LEU D 261 23.25 11.93 -7.01
CA LEU D 261 22.28 10.85 -6.99
C LEU D 261 21.50 10.93 -5.68
N LEU D 262 20.43 11.73 -5.67
CA LEU D 262 19.69 12.00 -4.44
C LEU D 262 18.93 10.76 -3.99
N LYS D 263 18.40 10.81 -2.77
CA LYS D 263 17.53 9.79 -2.21
C LYS D 263 16.29 10.50 -1.65
N LEU D 264 15.15 10.29 -2.31
CA LEU D 264 13.94 11.06 -2.05
C LEU D 264 12.97 10.25 -1.20
N LYS D 265 12.10 10.98 -0.49
CA LYS D 265 11.00 10.40 0.26
C LYS D 265 9.68 11.00 -0.23
N PHE D 266 8.84 10.15 -0.83
CA PHE D 266 7.55 10.57 -1.35
C PHE D 266 6.53 10.54 -0.22
N ASN D 267 6.04 11.72 0.16
CA ASN D 267 5.05 11.84 1.23
C ASN D 267 3.67 12.06 0.61
N PHE D 268 2.99 10.96 0.29
CA PHE D 268 1.74 11.01 -0.46
C PHE D 268 0.64 11.68 0.36
N LYS D 269 -0.43 12.06 -0.35
CA LYS D 269 -1.66 12.56 0.23
C LYS D 269 -2.71 11.46 0.04
N THR D 270 -3.37 11.08 1.13
CA THR D 270 -4.24 9.90 1.12
C THR D 270 -3.38 8.68 0.86
O3 DQV E . -0.94 -3.44 22.73
C4 DQV E . 2.71 -9.80 24.26
C5 DQV E . 1.96 -8.81 23.65
O4 DQV E . 1.49 -3.88 23.44
C6 DQV E . 2.54 -7.59 23.37
N1 DQV E . 2.80 2.82 26.22
C7 DQV E . 0.51 -9.10 23.30
C8 DQV E . -1.36 -7.63 23.39
N2 DQV E . 3.56 3.68 28.13
C9 DQV E . -1.51 -6.13 23.39
O5 DQV E . -0.26 -3.32 25.14
C10 DQV E . -0.53 -0.09 25.75
O6 DQV E . -2.74 -3.14 25.00
C11 DQV E . 0.48 0.51 24.81
C12 DQV E . 2.32 1.85 25.24
N3 DQV E . 4.26 6.70 28.24
C13 DQV E . 2.79 0.42 25.48
O7 DQV E . -1.49 -2.46 27.15
C14 DQV E . 1.76 -0.32 24.60
O8 DQV E . -1.30 -1.09 25.03
C15 DQV E . 3.13 2.60 27.52
N4 DQV E . 3.64 6.75 26.01
P1 DQV E . -1.55 -2.54 25.66
O11 DQV E . 2.16 -0.33 23.24
O10 DQV E . 4.13 0.24 25.07
C19 DQV E . 3.04 4.15 25.96
N5 DQV E . 2.86 4.80 24.80
C18 DQV E . 3.19 6.09 24.93
C17 DQV E . 3.82 6.05 27.17
C16 DQV E . 3.50 4.68 27.15
O9 DQV E . 0.92 1.79 25.33
P DQV E . 0.02 -4.00 23.72
O2 DQV E . -0.35 -5.54 24.02
O1 DQV E . -0.13 -7.97 22.70
C20 DQV E . -1.26 -8.29 24.77
O12 DQV E . -2.54 -8.72 25.21
C21 DQV E . -0.36 -9.50 24.49
O13 DQV E . -1.07 -10.70 24.20
C3 DQV E . 4.05 -9.56 24.59
C2 DQV E . 4.63 -8.35 24.29
C1 DQV E . 3.88 -7.35 23.67
C DQV E . 4.53 -6.03 23.37
O DQV E . 5.75 -5.91 23.51
N DQV E . 3.76 -5.03 22.97
N1 APR F . -7.86 -14.32 25.23
C2 APR F . -7.20 -13.19 24.95
N3 APR F . -6.10 -13.02 24.21
C4 APR F . -5.68 -14.18 23.71
C5 APR F . -6.24 -15.43 23.90
C6 APR F . -7.40 -15.49 24.71
N6 APR F . -8.06 -16.62 24.98
N7 APR F . -5.52 -16.40 23.23
C8 APR F . -4.55 -15.74 22.64
N9 APR F . -4.59 -14.39 22.91
C1' APR F . -3.66 -13.35 22.43
C2' APR F . -2.29 -13.36 23.09
O2' APR F . -2.26 -12.55 24.25
C3' APR F . -1.42 -12.78 21.96
O3' APR F . -1.56 -11.38 21.82
O4' APR F . -3.45 -13.54 21.05
C4' APR F . -2.02 -13.54 20.77
C5' APR F . -1.56 -14.96 20.58
O5' APR F . -0.35 -15.18 21.36
PA APR F . 0.64 -16.33 20.85
O1A APR F . -0.06 -17.64 20.93
O2A APR F . 1.97 -16.19 21.53
O3A APR F . 0.82 -15.92 19.31
PB APR F . 1.43 -14.62 18.60
O1B APR F . 2.92 -14.72 18.69
O2B APR F . 0.81 -13.38 19.16
O5D APR F . 0.97 -14.83 17.07
C5D APR F . -0.41 -15.15 16.72
O4D APR F . -1.00 -13.28 15.29
O1D APR F . -1.89 -14.82 13.86
C1D APR F . -2.09 -13.60 14.46
O2D APR F . -4.04 -12.46 15.44
C2D APR F . -3.30 -13.66 15.39
O3D APR F . -3.22 -13.18 17.79
C3D APR F . -2.73 -14.03 16.76
C4D APR F . -1.21 -13.87 16.59
O3 DQV G . -12.34 7.39 16.62
O3 DQV G . -15.46 3.87 18.00
C4 DQV G . -12.84 -0.77 13.11
C5 DQV G . -12.88 0.18 14.12
O4 DQV G . -14.30 5.85 17.21
O4 DQV G . -16.34 3.60 15.60
C6 DQV G . -14.08 0.36 14.82
N1 DQV G . -21.08 7.89 17.24
C7 DQV G . -11.64 0.97 14.45
C8 DQV G . -11.70 3.26 15.10
N2 DQV G . -22.40 8.78 15.66
C9 DQV G . -12.86 4.04 15.67
C9 DQV G . -12.82 4.13 15.64
O5 DQV G . -14.44 7.39 15.24
O5 DQV G . -14.91 5.55 16.21
C10 DQV G . -16.54 7.76 17.88
C10 DQV G . -16.55 7.76 17.87
O6 DQV G . -14.63 9.48 16.61
O6 DQV G . -13.02 6.24 17.72
C11 DQV G . -17.78 7.08 18.39
C12 DQV G . -20.04 7.10 17.88
N3 DQV G . -24.53 10.85 16.48
C13 DQV G . -19.48 5.95 17.05
O7 DQV G . -15.90 9.26 14.41
O7 DQV G . -14.20 7.96 16.22
C14 DQV G . -18.13 5.72 17.74
O8 DQV G . -16.57 7.86 16.42
O8 DQV G . -15.39 6.96 18.21
C15 DQV G . -21.42 7.94 15.91
N4 DQV G . -23.74 10.55 18.62
P1 DQV G . -15.38 8.62 15.66
P1 DQV G . -14.27 6.74 17.08
O11 DQV G . -18.19 4.70 18.75
O10 DQV G . -20.35 4.84 17.07
C19 DQV G . -21.92 8.77 17.88
N5 DQV G . -21.95 9.04 19.19
C18 DQV G . -22.88 9.94 19.47
C17 DQV G . -23.68 10.25 17.31
C16 DQV G . -22.72 9.31 16.90
O9 DQV G . -18.94 7.92 18.14
P DQV G . -13.46 6.51 16.17
P DQV G . -15.26 4.02 16.54
O2 DQV G . -12.90 5.40 15.15
O2 DQV G . -13.89 3.29 16.13
O1 DQV G . -11.86 1.89 15.54
C20 DQV G . -11.58 3.23 13.57
O12 DQV G . -10.63 4.19 13.10
C21 DQV G . -11.09 1.81 13.29
O13 DQV G . -9.68 1.63 13.17
C3 DQV G . -13.96 -1.53 12.81
C2 DQV G . -15.13 -1.35 13.52
C1 DQV G . -15.20 -0.41 14.54
C DQV G . -16.49 -0.21 15.29
O DQV G . -17.37 -1.08 15.24
N DQV G . -16.67 0.94 15.93
O3 DQV H . 3.85 -8.05 -23.77
C4 DQV H . 0.16 -4.07 -20.05
C5 DQV H . 1.30 -4.50 -20.71
O4 DQV H . 1.70 -8.22 -22.39
C6 DQV H . 1.18 -5.12 -21.95
N1 DQV H . 1.36 -14.52 -27.20
C7 DQV H . 2.66 -4.28 -20.09
C8 DQV H . 4.44 -5.86 -20.23
N2 DQV H . -0.28 -15.96 -26.72
C9 DQV H . 4.84 -6.91 -21.24
O5 DQV H . 3.33 -10.13 -22.43
C10 DQV H . 4.18 -12.74 -24.28
O6 DQV H . 5.71 -10.35 -21.68
C11 DQV H . 3.92 -12.50 -25.74
C12 DQV H . 2.24 -13.36 -27.13
N3 DQV H . -0.62 -18.49 -28.48
C13 DQV H . 1.66 -12.13 -26.44
O7 DQV H . 4.09 -12.32 -21.41
C14 DQV H . 2.93 -11.36 -26.07
O8 DQV H . 4.87 -11.60 -23.71
C15 DQV H . 0.30 -14.84 -26.38
N4 DQV H . 1.20 -17.68 -29.66
P1 DQV H . 4.56 -11.14 -22.20
O11 DQV H . 3.42 -10.56 -27.13
O10 DQV H . 0.81 -11.42 -27.32
C19 DQV H . 1.45 -15.52 -28.13
N5 DQV H . 2.35 -15.64 -29.12
C18 DQV H . 2.13 -16.74 -29.83
C17 DQV H . 0.30 -17.55 -28.65
C16 DQV H . 0.43 -16.42 -27.83
O9 DQV H . 3.37 -13.70 -26.34
P DQV H . 3.15 -8.54 -22.54
O2 DQV H . 3.94 -8.05 -21.22
O1 DQV H . 3.73 -4.79 -20.91
C20 DQV H . 3.49 -6.30 -19.10
O12 DQV H . 4.19 -6.85 -17.99
C21 DQV H . 2.86 -4.96 -18.72
O13 DQV H . 3.64 -4.14 -17.87
C3 DQV H . -1.09 -4.26 -20.61
C2 DQV H . -1.21 -4.88 -21.85
C1 DQV H . -0.07 -5.31 -22.53
C DQV H . -0.19 -5.97 -23.86
O DQV H . -1.29 -6.03 -24.45
N DQV H . 0.89 -6.53 -24.38
O3 DQV I . 10.80 4.37 -19.30
O3 DQV I . 12.61 6.04 -18.24
C4 DQV I . 10.56 13.04 -19.78
C5 DQV I . 10.52 11.68 -19.56
O4 DQV I . 9.18 4.81 -21.24
O4 DQV I . 13.27 8.36 -19.10
C6 DQV I . 11.35 11.12 -18.59
N1 DQV I . 18.72 3.03 -17.91
C7 DQV I . 9.59 10.79 -20.36
C8 DQV I . 10.03 8.74 -21.45
N2 DQV I . 20.89 3.36 -18.38
C9 DQV I . 11.00 7.59 -21.34
C9 DQV I . 11.00 7.59 -21.35
O5 DQV I . 11.68 4.91 -21.59
O5 DQV I . 13.42 6.35 -20.61
C10 DQV I . 14.73 3.14 -20.15
O6 DQV I . 13.91 4.50 -22.69
O6 DQV I . 11.87 4.89 -21.93
C11 DQV I . 15.24 3.19 -18.72
C12 DQV I . 17.30 3.29 -17.70
N3 DQV I . 22.85 0.98 -18.01
C13 DQV I . 16.87 4.74 -17.83
O7 DQV I . 13.68 6.32 -20.92
O7 DQV I . 14.37 4.88 -22.43
C14 DQV I . 15.38 4.60 -18.10
O8 DQV I . 13.48 3.88 -20.26
C15 DQV I . 19.70 3.91 -18.34
N4 DQV I . 21.00 -0.22 -17.33
P1 DQV I . 13.28 4.97 -21.43
O11 DQV I . 14.61 4.71 -16.91
O10 DQV I . 17.16 5.47 -16.65
C19 DQV I . 19.36 1.85 -17.65
N5 DQV I . 18.78 0.71 -17.21
C18 DQV I . 19.69 -0.25 -17.08
C17 DQV I . 21.55 0.95 -17.77
C16 DQV I . 20.69 2.05 -17.95
O9 DQV I . 16.56 2.59 -18.67
P DQV I . 10.47 5.11 -20.56
P DQV I . 12.66 7.02 -19.36
O2 DQV I . 10.57 6.69 -20.28
O2 DQV I . 11.18 7.22 -19.95
O1 DQV I . 9.92 9.41 -20.18
C20 DQV I . 10.42 9.85 -22.42
O12 DQV I . 10.05 9.54 -23.76
C21 DQV I . 9.59 11.03 -21.87
O13 DQV I . 8.27 11.10 -22.37
C3 DQV I . 11.41 13.85 -19.04
C2 DQV I . 12.23 13.28 -18.07
C1 DQV I . 12.19 11.92 -17.83
C DQV I . 13.05 11.28 -16.78
O DQV I . 13.55 11.97 -15.87
N DQV I . 13.31 9.98 -16.88
#